data_9I98
#
_entry.id   9I98
#
_cell.length_a   1.00
_cell.length_b   1.00
_cell.length_c   1.00
_cell.angle_alpha   90.00
_cell.angle_beta   90.00
_cell.angle_gamma   90.00
#
_symmetry.space_group_name_H-M   'P 1'
#
loop_
_entity.id
_entity.type
_entity.pdbx_description
1 polymer 'LPS-assembly protein LptD'
2 polymer 'LPS-assembly lipoprotein LptE'
3 polymer 'Compound 13 - Bicyclic Peptide binder'
4 non-polymer DODECYL-BETA-D-MALTOSIDE
5 non-polymer 1-[3,5-bis(2-chloranylethanoyl)-1,3,5-triazinan-1-yl]-2-chloranyl-ethanone
#
loop_
_entity_poly.entity_id
_entity_poly.type
_entity_poly.pdbx_seq_one_letter_code
_entity_poly.pdbx_strand_id
1 'polypeptide(L)'
;ADLASQCMLGVPSYDRPLVQGDTNDLPVTINADHAKGDYPDDAVFTGSVDIMQGNSRLQADEVQLHQKEAPGQPEPVRTV
DALGNVHYDDNQVILKGPKGWANLNTKDTNVWEGDYQMVGRQGRGKADLMKQRGENRYTILDNGSFTSCLPGSDTWSVVG
SEIIHDREEQVAEIWNARFKVGPVPIFYSPYLQLPVGDKRRSGFLIPNAKYTTTNYFEFYLPYYWNIAPNMDATITPHYM
HRRGNIMWENEFRYLSQAGAGLMELDYLPSDKVYEDEHPNDDSSRRWLFYWNHSGVMDQVWRFNVDYTKVSDPSYFNDFD
NKYGSSTDGYATQKFSVGYAVQNFNATVSTKQFQVFSEQNTSSYSAEPQLDVNYYQNDVGPFDTRIYGQAVHFVNTRDDM
PEATRVHLEPTINLPLSNNWGSINTEAKFLATHYQQTNLDWYNSRNTTKLDESVNRVMPQFKVDGKMVFERDMEMLAPGY
TQTLEPRAQYLYVPYRDQSDIYNYDSSLLQSDYSGLFRDRTYGGLDRIASANQVTTGVTSRIYDDAAVERFNISVGQIYY
FTESRTGDDNITWENDDKTGSLVWAGDTYWRISERWGLRGGIQYDTRLDNVATSNSSIEYRRDEDRLVQLNYHYASPEYI
QATLPKYYSTAEQYKNGISQVGAVASRPIADRWSIVGAYYYDTNANKQADSMLGVQYSSCCYAIRVGYERKLNGWDNDKQ
HAVYDNAIGFNIELRGLSSNYGLGTQEMLRSNILPYQNTL
;
A
2 'polypeptide(L)'
;CGWHLRDTTQVPSTMKVMILDSGDPNGPLSRAVRNQLRLNGVELLDKETTRKDVPSLRLGKVSIAKDTASVFRNGQTAEY
QMIMTVNATVLIPGRDIYPISAKVFRSFFDNPQMALAKDNEQDMIVKEMYDRAAEQLIRKLPSIRAADIRSDEEQTSTTT
DTPATPARVSTMLGNHHHHHH
;
B
3 'polypeptide(L)' ACSDFMDWFYCDGYPCA(NH2) C
#
# COMPACT_ATOMS: atom_id res chain seq x y z
N SER A 202 -9.48 -36.50 2.60
CA SER A 202 -10.23 -35.96 1.48
C SER A 202 -11.69 -36.38 1.56
N GLY A 203 -12.57 -35.40 1.76
CA GLY A 203 -13.98 -35.67 1.87
C GLY A 203 -14.79 -34.41 1.95
N PHE A 204 -16.08 -34.59 2.24
CA PHE A 204 -17.01 -33.47 2.31
C PHE A 204 -16.76 -32.65 3.57
N LEU A 205 -16.87 -31.33 3.43
CA LEU A 205 -16.79 -30.44 4.58
C LEU A 205 -18.19 -30.18 5.12
N ILE A 206 -18.31 -29.23 6.04
CA ILE A 206 -19.59 -28.88 6.64
C ILE A 206 -20.26 -27.81 5.77
N PRO A 207 -21.43 -28.08 5.19
CA PRO A 207 -22.06 -27.08 4.32
C PRO A 207 -22.51 -25.86 5.11
N ASN A 208 -22.04 -24.70 4.70
CA ASN A 208 -22.46 -23.43 5.26
C ASN A 208 -23.57 -22.79 4.41
N ALA A 209 -24.26 -21.83 5.01
CA ALA A 209 -25.41 -21.22 4.36
C ALA A 209 -25.34 -19.71 4.44
N LYS A 210 -26.11 -19.06 3.57
CA LYS A 210 -26.09 -17.60 3.47
C LYS A 210 -27.37 -17.12 2.82
N TYR A 211 -27.82 -15.95 3.23
CA TYR A 211 -28.94 -15.25 2.62
C TYR A 211 -28.49 -13.84 2.28
N THR A 212 -28.62 -13.46 1.02
CA THR A 212 -28.25 -12.14 0.54
C THR A 212 -29.36 -11.57 -0.31
N THR A 213 -29.42 -10.24 -0.39
CA THR A 213 -30.44 -9.57 -1.19
C THR A 213 -30.18 -9.67 -2.69
N THR A 214 -28.97 -10.07 -3.10
CA THR A 214 -28.68 -10.26 -4.51
C THR A 214 -28.88 -11.70 -4.98
N ASN A 215 -28.77 -12.69 -4.08
CA ASN A 215 -28.91 -14.08 -4.44
C ASN A 215 -29.98 -14.81 -3.65
N TYR A 216 -30.57 -14.19 -2.65
CA TYR A 216 -31.58 -14.83 -1.77
C TYR A 216 -30.88 -15.97 -1.05
N PHE A 217 -31.48 -17.15 -0.95
CA PHE A 217 -30.84 -18.25 -0.24
C PHE A 217 -29.65 -18.78 -1.03
N GLU A 218 -28.53 -18.96 -0.35
CA GLU A 218 -27.31 -19.50 -0.93
C GLU A 218 -26.94 -20.78 -0.21
N PHE A 219 -26.40 -21.74 -0.94
CA PHE A 219 -25.94 -22.98 -0.34
C PHE A 219 -24.58 -23.35 -0.90
N TYR A 220 -23.68 -23.80 -0.02
CA TYR A 220 -22.37 -24.28 -0.42
C TYR A 220 -22.18 -25.71 0.05
N LEU A 221 -21.64 -26.56 -0.82
CA LEU A 221 -21.38 -27.96 -0.49
C LEU A 221 -19.94 -28.29 -0.85
N PRO A 222 -18.99 -27.84 -0.04
CA PRO A 222 -17.58 -28.04 -0.39
C PRO A 222 -17.15 -29.50 -0.28
N TYR A 223 -16.16 -29.85 -1.10
CA TYR A 223 -15.50 -31.15 -1.06
C TYR A 223 -14.00 -30.89 -1.15
N TYR A 224 -13.25 -31.48 -0.23
CA TYR A 224 -11.80 -31.28 -0.15
C TYR A 224 -11.11 -32.53 -0.68
N TRP A 225 -10.19 -32.34 -1.63
CA TRP A 225 -9.44 -33.42 -2.25
C TRP A 225 -7.98 -33.19 -1.88
N ASN A 226 -7.41 -34.12 -1.11
CA ASN A 226 -6.00 -34.05 -0.73
C ASN A 226 -5.20 -34.80 -1.79
N ILE A 227 -4.70 -34.07 -2.79
CA ILE A 227 -4.01 -34.70 -3.91
C ILE A 227 -2.66 -35.24 -3.46
N ALA A 228 -1.81 -34.36 -2.94
CA ALA A 228 -0.46 -34.72 -2.53
C ALA A 228 -0.09 -33.92 -1.29
N PRO A 229 1.06 -34.16 -0.66
CA PRO A 229 1.46 -33.33 0.48
C PRO A 229 1.65 -31.86 0.14
N ASN A 230 1.96 -31.53 -1.11
CA ASN A 230 2.17 -30.15 -1.53
C ASN A 230 1.04 -29.61 -2.40
N MET A 231 -0.03 -30.38 -2.60
CA MET A 231 -1.11 -29.99 -3.49
C MET A 231 -2.44 -30.39 -2.89
N ASP A 232 -3.44 -29.54 -3.05
CA ASP A 232 -4.80 -29.92 -2.67
C ASP A 232 -5.80 -29.09 -3.48
N ALA A 233 -7.04 -29.58 -3.52
CA ALA A 233 -8.08 -28.95 -4.31
C ALA A 233 -9.38 -28.92 -3.53
N THR A 234 -10.28 -28.04 -3.94
CA THR A 234 -11.59 -27.92 -3.30
C THR A 234 -12.63 -27.66 -4.37
N ILE A 235 -13.64 -28.51 -4.43
CA ILE A 235 -14.74 -28.37 -5.39
C ILE A 235 -16.00 -28.04 -4.60
N THR A 236 -16.58 -26.88 -4.87
CA THR A 236 -17.74 -26.40 -4.13
C THR A 236 -18.88 -26.11 -5.09
N PRO A 237 -19.92 -26.94 -5.13
CA PRO A 237 -21.18 -26.50 -5.74
C PRO A 237 -21.84 -25.46 -4.84
N HIS A 238 -22.30 -24.37 -5.45
CA HIS A 238 -22.80 -23.21 -4.73
C HIS A 238 -24.14 -22.91 -5.40
N TYR A 239 -25.22 -23.36 -4.78
CA TYR A 239 -26.56 -23.13 -5.29
C TYR A 239 -27.03 -21.72 -4.96
N MET A 240 -27.53 -21.03 -5.99
CA MET A 240 -28.12 -19.70 -5.85
C MET A 240 -29.58 -19.77 -6.28
N HIS A 241 -30.47 -19.30 -5.41
CA HIS A 241 -31.89 -19.43 -5.65
C HIS A 241 -32.42 -18.31 -6.55
N ARG A 242 -32.03 -17.07 -6.28
CA ARG A 242 -32.48 -15.95 -7.10
C ARG A 242 -31.98 -16.08 -8.53
N ARG A 243 -30.73 -16.51 -8.69
CA ARG A 243 -30.21 -16.79 -10.02
C ARG A 243 -30.54 -18.20 -10.48
N GLY A 244 -31.07 -19.04 -9.58
CA GLY A 244 -31.64 -20.32 -9.94
C GLY A 244 -30.72 -21.31 -10.60
N ASN A 245 -29.52 -21.50 -10.06
CA ASN A 245 -28.58 -22.42 -10.70
C ASN A 245 -27.50 -22.77 -9.68
N ILE A 246 -26.47 -23.47 -10.14
CA ILE A 246 -25.36 -23.89 -9.29
C ILE A 246 -24.06 -23.41 -9.92
N MET A 247 -23.36 -22.51 -9.22
CA MET A 247 -22.04 -22.08 -9.64
C MET A 247 -21.01 -23.04 -9.06
N TRP A 248 -20.08 -23.48 -9.89
CA TRP A 248 -19.06 -24.43 -9.48
C TRP A 248 -17.78 -23.66 -9.19
N GLU A 249 -17.26 -23.83 -7.98
CA GLU A 249 -16.06 -23.12 -7.53
C GLU A 249 -14.95 -24.14 -7.31
N ASN A 250 -13.76 -23.82 -7.81
CA ASN A 250 -12.61 -24.72 -7.71
C ASN A 250 -11.43 -23.96 -7.12
N GLU A 251 -10.98 -24.42 -5.95
CA GLU A 251 -9.74 -24.04 -5.31
C GLU A 251 -8.66 -25.04 -5.71
N PHE A 252 -7.44 -24.55 -5.92
CA PHE A 252 -6.30 -25.44 -6.13
C PHE A 252 -5.07 -24.78 -5.52
N ARG A 253 -4.60 -25.31 -4.40
CA ARG A 253 -3.44 -24.78 -3.69
C ARG A 253 -2.25 -25.69 -3.94
N TYR A 254 -1.10 -25.09 -4.25
CA TYR A 254 0.10 -25.85 -4.57
C TYR A 254 1.32 -25.19 -3.96
N LEU A 255 2.30 -26.02 -3.60
CA LEU A 255 3.61 -25.58 -3.16
C LEU A 255 4.65 -26.33 -3.97
N SER A 256 5.58 -25.59 -4.56
CA SER A 256 6.54 -26.19 -5.49
C SER A 256 7.90 -25.53 -5.29
N GLN A 257 8.85 -25.89 -6.16
CA GLN A 257 10.18 -25.29 -6.10
C GLN A 257 10.12 -23.80 -6.43
N ALA A 258 9.28 -23.42 -7.39
CA ALA A 258 9.19 -22.04 -7.84
C ALA A 258 8.43 -21.13 -6.86
N GLY A 259 7.79 -21.69 -5.85
CA GLY A 259 7.07 -20.92 -4.87
C GLY A 259 5.71 -21.52 -4.59
N ALA A 260 4.86 -20.73 -3.95
CA ALA A 260 3.53 -21.16 -3.57
C ALA A 260 2.48 -20.48 -4.44
N GLY A 261 1.45 -21.22 -4.79
CA GLY A 261 0.48 -20.73 -5.75
C GLY A 261 -0.94 -21.17 -5.40
N LEU A 262 -1.89 -20.37 -5.87
CA LEU A 262 -3.31 -20.56 -5.63
C LEU A 262 -4.07 -20.27 -6.91
N MET A 263 -4.91 -21.21 -7.33
CA MET A 263 -5.74 -21.05 -8.51
C MET A 263 -7.20 -21.19 -8.14
N GLU A 264 -8.03 -20.33 -8.72
CA GLU A 264 -9.47 -20.33 -8.48
C GLU A 264 -10.20 -20.25 -9.81
N LEU A 265 -11.22 -21.10 -9.96
CA LEU A 265 -12.05 -21.10 -11.17
C LEU A 265 -13.51 -21.21 -10.75
N ASP A 266 -14.29 -20.15 -10.99
CA ASP A 266 -15.72 -20.16 -10.75
C ASP A 266 -16.44 -20.13 -12.10
N TYR A 267 -17.41 -21.03 -12.26
CA TYR A 267 -18.18 -21.07 -13.51
C TYR A 267 -19.65 -21.24 -13.21
N LEU A 268 -20.47 -20.37 -13.78
CA LEU A 268 -21.92 -20.43 -13.68
C LEU A 268 -22.48 -20.53 -15.08
N PRO A 269 -23.03 -21.68 -15.49
CA PRO A 269 -23.45 -21.88 -16.88
C PRO A 269 -24.54 -20.93 -17.35
N SER A 270 -25.47 -20.54 -16.48
CA SER A 270 -26.56 -19.67 -16.87
C SER A 270 -26.94 -18.78 -15.70
N ASP A 271 -27.60 -17.67 -16.02
CA ASP A 271 -27.98 -16.67 -15.02
C ASP A 271 -29.29 -16.04 -15.45
N LYS A 272 -30.36 -16.32 -14.69
CA LYS A 272 -31.65 -15.71 -15.01
C LYS A 272 -31.61 -14.20 -14.84
N VAL A 273 -30.99 -13.72 -13.77
CA VAL A 273 -30.93 -12.28 -13.51
C VAL A 273 -30.13 -11.57 -14.59
N TYR A 274 -28.98 -12.13 -14.97
CA TYR A 274 -28.15 -11.51 -15.99
C TYR A 274 -28.86 -11.47 -17.34
N GLU A 275 -29.54 -12.56 -17.70
CA GLU A 275 -30.27 -12.57 -18.97
C GLU A 275 -31.46 -11.63 -18.94
N ASP A 276 -32.11 -11.48 -17.79
CA ASP A 276 -33.20 -10.52 -17.68
C ASP A 276 -32.69 -9.09 -17.82
N GLU A 277 -31.54 -8.78 -17.22
CA GLU A 277 -30.97 -7.45 -17.36
C GLU A 277 -30.37 -7.24 -18.74
N HIS A 278 -29.92 -8.31 -19.40
CA HIS A 278 -29.28 -8.24 -20.72
C HIS A 278 -29.97 -9.25 -21.63
N PRO A 279 -31.20 -8.95 -22.05
CA PRO A 279 -31.93 -9.93 -22.90
C PRO A 279 -31.31 -10.14 -24.27
N ASN A 280 -30.50 -9.20 -24.75
CA ASN A 280 -29.95 -9.26 -26.09
C ASN A 280 -28.62 -9.98 -26.18
N ASP A 281 -28.09 -10.47 -25.07
CA ASP A 281 -26.80 -11.16 -25.09
C ASP A 281 -26.96 -12.60 -25.57
N ASP A 282 -25.86 -13.16 -26.06
CA ASP A 282 -25.90 -14.52 -26.61
C ASP A 282 -26.06 -15.53 -25.48
N SER A 283 -25.29 -15.37 -24.41
CA SER A 283 -25.33 -16.31 -23.29
C SER A 283 -25.21 -15.54 -21.98
N SER A 284 -25.64 -16.19 -20.90
CA SER A 284 -25.64 -15.57 -19.58
C SER A 284 -24.65 -16.23 -18.63
N ARG A 285 -23.64 -16.92 -19.16
CA ARG A 285 -22.66 -17.55 -18.30
C ARG A 285 -21.80 -16.51 -17.59
N ARG A 286 -21.39 -16.83 -16.37
CA ARG A 286 -20.49 -16.00 -15.60
C ARG A 286 -19.30 -16.82 -15.18
N TRP A 287 -18.15 -16.18 -15.01
CA TRP A 287 -16.99 -16.96 -14.61
C TRP A 287 -15.90 -16.05 -14.08
N LEU A 288 -15.09 -16.63 -13.21
CA LEU A 288 -13.93 -15.98 -12.60
C LEU A 288 -12.73 -16.91 -12.73
N PHE A 289 -11.60 -16.35 -13.16
CA PHE A 289 -10.32 -17.05 -13.10
C PHE A 289 -9.35 -16.21 -12.29
N TYR A 290 -8.75 -16.82 -11.28
CA TYR A 290 -7.79 -16.16 -10.40
C TYR A 290 -6.56 -17.03 -10.26
N TRP A 291 -5.39 -16.39 -10.30
CA TRP A 291 -4.13 -17.11 -10.12
C TRP A 291 -3.17 -16.21 -9.37
N ASN A 292 -2.65 -16.70 -8.25
CA ASN A 292 -1.71 -15.95 -7.43
C ASN A 292 -0.53 -16.87 -7.12
N HIS A 293 0.61 -16.59 -7.73
CA HIS A 293 1.84 -17.33 -7.50
C HIS A 293 2.89 -16.37 -6.99
N SER A 294 3.64 -16.81 -5.98
CA SER A 294 4.77 -16.03 -5.48
C SER A 294 5.85 -16.98 -5.04
N GLY A 295 7.07 -16.78 -5.51
CA GLY A 295 8.15 -17.65 -5.09
C GLY A 295 9.51 -17.09 -5.46
N VAL A 296 10.52 -17.57 -4.72
CA VAL A 296 11.91 -17.30 -5.00
C VAL A 296 12.63 -18.65 -5.03
N MET A 297 13.17 -18.99 -6.19
CA MET A 297 13.88 -20.25 -6.39
C MET A 297 15.38 -19.98 -6.46
N ASP A 298 16.14 -20.74 -5.65
CA ASP A 298 17.60 -20.67 -5.60
C ASP A 298 18.13 -19.34 -5.10
N GLN A 299 17.29 -18.54 -4.45
CA GLN A 299 17.59 -17.21 -3.92
C GLN A 299 17.80 -16.16 -5.01
N VAL A 300 17.67 -16.52 -6.29
CA VAL A 300 17.94 -15.57 -7.37
C VAL A 300 16.80 -15.46 -8.37
N TRP A 301 15.92 -16.45 -8.50
CA TRP A 301 14.82 -16.37 -9.45
C TRP A 301 13.55 -15.99 -8.71
N ARG A 302 12.90 -14.91 -9.16
CA ARG A 302 11.69 -14.42 -8.53
C ARG A 302 10.54 -14.56 -9.50
N PHE A 303 9.56 -15.38 -9.14
CA PHE A 303 8.38 -15.62 -9.96
C PHE A 303 7.15 -15.05 -9.27
N ASN A 304 6.42 -14.20 -9.99
CA ASN A 304 5.22 -13.58 -9.46
C ASN A 304 4.12 -13.61 -10.50
N VAL A 305 2.94 -14.02 -10.09
CA VAL A 305 1.75 -14.01 -10.95
C VAL A 305 0.58 -13.50 -10.12
N ASP A 306 -0.11 -12.49 -10.62
CA ASP A 306 -1.31 -11.94 -9.98
C ASP A 306 -2.32 -11.68 -11.10
N TYR A 307 -3.14 -12.69 -11.39
CA TYR A 307 -4.02 -12.66 -12.55
C TYR A 307 -5.47 -12.79 -12.09
N THR A 308 -6.31 -11.85 -12.52
CA THR A 308 -7.74 -11.94 -12.29
C THR A 308 -8.46 -11.62 -13.58
N LYS A 309 -9.39 -12.49 -13.98
CA LYS A 309 -10.23 -12.22 -15.13
C LYS A 309 -11.67 -12.60 -14.83
N VAL A 310 -12.59 -11.72 -15.20
CA VAL A 310 -14.01 -11.93 -14.96
C VAL A 310 -14.73 -11.86 -16.30
N SER A 311 -15.92 -12.46 -16.33
CA SER A 311 -16.71 -12.45 -17.56
C SER A 311 -17.30 -11.07 -17.82
N ASP A 312 -17.78 -10.40 -16.79
CA ASP A 312 -18.46 -9.13 -16.91
C ASP A 312 -17.96 -8.18 -15.83
N PRO A 313 -18.09 -6.86 -16.05
CA PRO A 313 -17.63 -5.92 -15.03
C PRO A 313 -18.43 -5.96 -13.74
N SER A 314 -19.67 -6.43 -13.78
CA SER A 314 -20.52 -6.48 -12.59
C SER A 314 -20.42 -7.81 -11.86
N TYR A 315 -19.32 -8.55 -12.02
CA TYR A 315 -19.19 -9.84 -11.37
C TYR A 315 -19.10 -9.68 -9.86
N PHE A 316 -18.20 -8.83 -9.38
CA PHE A 316 -17.97 -8.71 -7.96
C PHE A 316 -19.09 -7.98 -7.22
N ASN A 317 -19.98 -7.30 -7.94
CA ASN A 317 -21.14 -6.70 -7.31
C ASN A 317 -22.26 -7.71 -7.06
N ASP A 318 -22.15 -8.91 -7.63
CA ASP A 318 -23.18 -9.93 -7.47
C ASP A 318 -22.72 -11.16 -6.70
N PHE A 319 -21.41 -11.33 -6.48
CA PHE A 319 -20.87 -12.61 -6.05
C PHE A 319 -20.00 -12.41 -4.82
N ASP A 320 -19.55 -13.52 -4.25
CA ASP A 320 -18.77 -13.47 -3.01
C ASP A 320 -17.43 -12.81 -3.25
N ASN A 321 -17.08 -11.88 -2.37
CA ASN A 321 -15.84 -11.13 -2.50
C ASN A 321 -14.74 -11.79 -1.66
N LYS A 322 -14.30 -12.95 -2.15
CA LYS A 322 -13.20 -13.68 -1.50
C LYS A 322 -11.85 -13.38 -2.14
N TYR A 323 -11.78 -13.36 -3.48
CA TYR A 323 -10.57 -13.04 -4.23
C TYR A 323 -10.77 -11.80 -5.09
N GLY A 324 -11.79 -11.01 -4.75
CA GLY A 324 -12.07 -9.73 -5.35
C GLY A 324 -12.97 -8.98 -4.41
N SER A 325 -13.41 -7.80 -4.85
CA SER A 325 -14.30 -7.01 -4.00
C SER A 325 -15.18 -6.12 -4.87
N SER A 326 -16.31 -5.72 -4.29
CA SER A 326 -17.18 -4.77 -4.95
C SER A 326 -16.57 -3.37 -4.99
N THR A 327 -15.61 -3.09 -4.11
CA THR A 327 -14.92 -1.81 -4.11
C THR A 327 -13.84 -1.72 -5.18
N ASP A 328 -13.54 -2.81 -5.87
CA ASP A 328 -12.50 -2.80 -6.89
C ASP A 328 -13.03 -2.20 -8.17
N GLY A 329 -12.25 -1.28 -8.75
CA GLY A 329 -12.62 -0.67 -10.01
C GLY A 329 -12.07 -1.35 -11.24
N TYR A 330 -11.12 -2.26 -11.07
CA TYR A 330 -10.53 -2.98 -12.19
C TYR A 330 -9.89 -4.26 -11.68
N ALA A 331 -9.60 -5.16 -12.61
CA ALA A 331 -8.94 -6.43 -12.33
C ALA A 331 -7.53 -6.40 -12.90
N THR A 332 -6.57 -6.85 -12.10
CA THR A 332 -5.16 -6.80 -12.45
C THR A 332 -4.70 -8.13 -13.03
N GLN A 333 -3.80 -8.06 -14.02
CA GLN A 333 -3.31 -9.24 -14.71
C GLN A 333 -1.80 -9.04 -14.92
N LYS A 334 -1.01 -9.53 -13.97
CA LYS A 334 0.42 -9.24 -13.92
C LYS A 334 1.22 -10.54 -13.91
N PHE A 335 2.23 -10.60 -14.78
CA PHE A 335 3.22 -11.66 -14.77
C PHE A 335 4.59 -11.02 -14.58
N SER A 336 5.47 -11.70 -13.83
CA SER A 336 6.79 -11.15 -13.55
C SER A 336 7.79 -12.28 -13.32
N VAL A 337 8.87 -12.25 -14.08
CA VAL A 337 10.00 -13.16 -13.88
C VAL A 337 11.26 -12.31 -13.74
N GLY A 338 11.94 -12.44 -12.62
CA GLY A 338 13.10 -11.61 -12.35
C GLY A 338 14.29 -12.44 -11.91
N TYR A 339 15.47 -11.91 -12.20
CA TYR A 339 16.73 -12.48 -11.74
C TYR A 339 17.44 -11.41 -10.92
N ALA A 340 17.70 -11.71 -9.65
CA ALA A 340 18.27 -10.74 -8.73
C ALA A 340 19.46 -11.33 -8.00
N VAL A 341 20.58 -10.63 -8.05
CA VAL A 341 21.76 -10.95 -7.25
C VAL A 341 22.08 -9.71 -6.42
N GLN A 342 23.19 -9.75 -5.66
CA GLN A 342 23.47 -8.69 -4.70
C GLN A 342 23.75 -7.33 -5.35
N ASN A 343 24.12 -7.29 -6.63
N ASN A 343 24.12 -7.30 -6.64
CA ASN A 343 24.49 -6.04 -7.28
CA ASN A 343 24.52 -6.06 -7.28
C ASN A 343 23.87 -5.90 -8.65
C ASN A 343 23.87 -5.90 -8.66
N PHE A 344 22.76 -6.58 -8.92
CA PHE A 344 22.17 -6.53 -10.26
C PHE A 344 20.79 -7.19 -10.18
N ASN A 345 19.87 -6.68 -10.98
CA ASN A 345 18.57 -7.35 -11.10
C ASN A 345 17.93 -6.97 -12.43
N ALA A 346 17.29 -7.95 -13.06
CA ALA A 346 16.63 -7.78 -14.33
C ALA A 346 15.28 -8.47 -14.27
N THR A 347 14.21 -7.72 -14.53
CA THR A 347 12.85 -8.24 -14.40
C THR A 347 12.11 -8.04 -15.71
N VAL A 348 11.46 -9.09 -16.19
CA VAL A 348 10.58 -9.03 -17.35
C VAL A 348 9.16 -9.24 -16.86
N SER A 349 8.28 -8.28 -17.14
CA SER A 349 6.93 -8.31 -16.61
C SER A 349 5.93 -7.90 -17.68
N THR A 350 4.71 -8.38 -17.51
CA THR A 350 3.58 -8.05 -18.36
C THR A 350 2.44 -7.58 -17.48
N LYS A 351 1.85 -6.43 -17.83
CA LYS A 351 0.81 -5.80 -17.02
C LYS A 351 -0.40 -5.53 -17.90
N GLN A 352 -1.56 -6.03 -17.47
CA GLN A 352 -2.82 -5.79 -18.16
C GLN A 352 -3.89 -5.50 -17.12
N PHE A 353 -4.92 -4.76 -17.54
CA PHE A 353 -5.99 -4.38 -16.63
C PHE A 353 -7.33 -4.51 -17.33
N GLN A 354 -8.31 -5.03 -16.62
CA GLN A 354 -9.69 -5.12 -17.08
C GLN A 354 -10.50 -4.11 -16.30
N VAL A 355 -10.89 -3.02 -16.95
CA VAL A 355 -11.57 -1.92 -16.28
C VAL A 355 -13.07 -2.22 -16.23
N PHE A 356 -13.65 -2.13 -15.05
CA PHE A 356 -15.05 -2.47 -14.87
C PHE A 356 -15.99 -1.35 -15.28
N SER A 357 -15.55 -0.10 -15.16
CA SER A 357 -16.41 1.03 -15.45
C SER A 357 -16.77 1.08 -16.93
N GLU A 358 -18.05 1.35 -17.21
CA GLU A 358 -18.52 1.48 -18.59
C GLU A 358 -18.40 2.89 -19.13
N GLN A 359 -18.00 3.86 -18.29
CA GLN A 359 -17.78 5.21 -18.79
C GLN A 359 -16.64 5.24 -19.78
N ASN A 360 -15.54 4.54 -19.47
CA ASN A 360 -14.42 4.46 -20.39
C ASN A 360 -13.59 3.24 -20.01
N THR A 361 -13.59 2.23 -20.87
CA THR A 361 -12.81 1.01 -20.65
C THR A 361 -11.43 1.05 -21.29
N SER A 362 -11.06 2.17 -21.92
CA SER A 362 -9.76 2.30 -22.56
C SER A 362 -8.68 2.30 -21.48
N SER A 363 -7.87 1.24 -21.44
CA SER A 363 -6.79 1.12 -20.49
C SER A 363 -5.52 0.67 -21.19
N TYR A 364 -4.42 1.35 -20.90
CA TYR A 364 -3.13 1.01 -21.49
C TYR A 364 -2.48 -0.14 -20.73
N SER A 365 -1.67 -0.92 -21.43
CA SER A 365 -0.97 -2.06 -20.86
C SER A 365 0.42 -2.13 -21.43
N ALA A 366 1.39 -2.41 -20.57
CA ALA A 366 2.78 -2.66 -20.99
C ALA A 366 2.94 -4.15 -21.18
N GLU A 367 2.93 -4.60 -22.43
CA GLU A 367 2.89 -6.04 -22.63
C GLU A 367 4.28 -6.64 -22.39
N PRO A 368 5.35 -6.19 -23.06
CA PRO A 368 6.67 -6.41 -22.46
C PRO A 368 7.08 -5.25 -21.57
N GLN A 369 7.81 -5.57 -20.51
CA GLN A 369 8.46 -4.54 -19.70
C GLN A 369 9.74 -5.12 -19.11
N LEU A 370 10.85 -4.43 -19.33
CA LEU A 370 12.16 -4.88 -18.87
C LEU A 370 12.75 -3.83 -17.94
N ASP A 371 13.16 -4.28 -16.76
CA ASP A 371 13.81 -3.41 -15.77
C ASP A 371 15.16 -4.01 -15.41
N VAL A 372 16.21 -3.19 -15.52
CA VAL A 372 17.57 -3.62 -15.21
C VAL A 372 18.20 -2.59 -14.31
N ASN A 373 18.64 -3.02 -13.13
CA ASN A 373 19.33 -2.17 -12.17
C ASN A 373 20.73 -2.72 -11.94
N TYR A 374 21.73 -1.84 -12.00
CA TYR A 374 23.10 -2.21 -11.67
C TYR A 374 23.64 -1.21 -10.65
N TYR A 375 24.31 -1.75 -9.64
CA TYR A 375 24.83 -0.96 -8.53
C TYR A 375 26.34 -1.14 -8.43
N GLN A 376 27.04 -0.06 -8.12
CA GLN A 376 28.50 -0.11 -7.99
C GLN A 376 28.89 0.88 -6.90
N ASN A 377 29.10 0.37 -5.70
CA ASN A 377 29.48 1.20 -4.56
C ASN A 377 30.99 1.34 -4.49
N ASP A 378 31.43 2.37 -3.77
CA ASP A 378 32.85 2.59 -3.48
C ASP A 378 33.65 2.88 -4.76
N VAL A 379 33.06 3.66 -5.67
CA VAL A 379 33.80 4.16 -6.84
C VAL A 379 34.47 5.44 -6.37
N GLY A 380 35.63 5.28 -5.75
CA GLY A 380 36.23 6.34 -4.98
C GLY A 380 35.31 6.71 -3.83
N PRO A 381 35.09 8.01 -3.62
CA PRO A 381 34.13 8.44 -2.59
C PRO A 381 32.68 8.33 -3.02
N PHE A 382 32.40 7.98 -4.27
CA PHE A 382 31.05 8.01 -4.82
C PHE A 382 30.41 6.63 -4.84
N ASP A 383 29.09 6.63 -4.95
CA ASP A 383 28.28 5.44 -5.17
C ASP A 383 27.51 5.62 -6.46
N THR A 384 27.57 4.62 -7.34
CA THR A 384 27.01 4.75 -8.68
C THR A 384 25.91 3.72 -8.91
N ARG A 385 24.95 4.10 -9.74
CA ARG A 385 23.85 3.21 -10.09
C ARG A 385 23.42 3.50 -11.52
N ILE A 386 22.90 2.47 -12.19
CA ILE A 386 22.33 2.62 -13.51
C ILE A 386 21.00 1.87 -13.57
N TYR A 387 19.99 2.51 -14.14
CA TYR A 387 18.66 1.93 -14.26
C TYR A 387 18.24 1.97 -15.72
N GLY A 388 17.84 0.82 -16.25
CA GLY A 388 17.40 0.74 -17.63
C GLY A 388 16.01 0.15 -17.71
N GLN A 389 15.29 0.56 -18.76
CA GLN A 389 13.94 0.06 -18.96
C GLN A 389 13.61 0.05 -20.44
N ALA A 390 12.87 -0.98 -20.86
CA ALA A 390 12.34 -1.08 -22.21
C ALA A 390 10.90 -1.57 -22.11
N VAL A 391 9.96 -0.75 -22.56
CA VAL A 391 8.54 -1.03 -22.36
C VAL A 391 7.82 -0.83 -23.69
N HIS A 392 6.72 -1.55 -23.86
CA HIS A 392 5.87 -1.43 -25.04
C HIS A 392 4.43 -1.23 -24.58
N PHE A 393 3.87 -0.07 -24.89
CA PHE A 393 2.52 0.29 -24.45
C PHE A 393 1.54 0.05 -25.59
N VAL A 394 0.54 -0.79 -25.33
CA VAL A 394 -0.57 -1.03 -26.24
C VAL A 394 -1.86 -0.68 -25.50
N ASN A 395 -2.95 -0.59 -26.27
CA ASN A 395 -4.24 -0.20 -25.72
C ASN A 395 -5.31 -1.13 -26.26
N THR A 396 -6.38 -1.28 -25.47
CA THR A 396 -7.51 -2.11 -25.90
C THR A 396 -8.18 -1.53 -27.14
N ARG A 397 -8.36 -0.22 -27.18
CA ARG A 397 -8.92 0.42 -28.36
C ARG A 397 -7.91 0.43 -29.50
N ASP A 398 -8.41 0.28 -30.72
CA ASP A 398 -7.55 0.17 -31.90
C ASP A 398 -7.22 1.51 -32.53
N ASP A 399 -7.75 2.61 -32.00
CA ASP A 399 -7.47 3.93 -32.55
C ASP A 399 -6.54 4.77 -31.68
N MET A 400 -6.30 4.37 -30.44
CA MET A 400 -5.43 5.13 -29.55
C MET A 400 -3.97 4.90 -29.89
N PRO A 401 -3.09 5.84 -29.52
CA PRO A 401 -1.68 5.70 -29.86
C PRO A 401 -1.03 4.48 -29.20
N GLU A 402 -0.07 3.91 -29.90
CA GLU A 402 0.72 2.78 -29.42
C GLU A 402 2.17 3.21 -29.36
N ALA A 403 2.93 2.70 -28.40
CA ALA A 403 4.26 3.26 -28.20
C ALA A 403 5.26 2.21 -27.75
N THR A 404 6.54 2.53 -27.95
CA THR A 404 7.65 1.80 -27.37
C THR A 404 8.61 2.82 -26.75
N ARG A 405 9.10 2.51 -25.55
CA ARG A 405 9.89 3.46 -24.80
C ARG A 405 11.16 2.79 -24.28
N VAL A 406 12.29 3.47 -24.42
CA VAL A 406 13.57 3.01 -23.91
C VAL A 406 14.14 4.08 -23.00
N HIS A 407 14.36 3.73 -21.74
CA HIS A 407 14.80 4.68 -20.73
C HIS A 407 16.13 4.24 -20.13
N LEU A 408 17.01 5.20 -19.91
CA LEU A 408 18.31 4.97 -19.30
C LEU A 408 18.59 6.07 -18.27
N GLU A 409 19.14 5.67 -17.13
CA GLU A 409 19.24 6.55 -15.97
C GLU A 409 20.52 6.24 -15.21
N PRO A 410 21.62 6.92 -15.53
CA PRO A 410 22.82 6.80 -14.69
C PRO A 410 22.81 7.87 -13.59
N THR A 411 23.10 7.43 -12.36
CA THR A 411 23.12 8.32 -11.20
C THR A 411 24.39 8.09 -10.40
N ILE A 412 24.95 9.17 -9.85
CA ILE A 412 26.14 9.11 -9.02
C ILE A 412 25.93 10.02 -7.82
N ASN A 413 26.21 9.50 -6.62
CA ASN A 413 25.99 10.27 -5.40
C ASN A 413 27.19 10.21 -4.48
N LEU A 414 27.39 11.31 -3.77
CA LEU A 414 28.42 11.44 -2.74
C LEU A 414 27.73 11.59 -1.39
N PRO A 415 27.77 10.56 -0.54
CA PRO A 415 27.25 10.71 0.82
C PRO A 415 28.34 11.04 1.83
N LEU A 416 28.05 11.93 2.78
CA LEU A 416 28.96 12.28 3.85
C LEU A 416 28.18 12.21 5.16
N SER A 417 28.54 11.26 6.00
CA SER A 417 27.82 11.00 7.24
C SER A 417 28.62 11.52 8.42
N ASN A 418 27.96 11.57 9.57
CA ASN A 418 28.55 12.12 10.78
C ASN A 418 27.63 11.71 11.93
N ASN A 419 28.15 11.83 13.15
CA ASN A 419 27.36 11.47 14.33
C ASN A 419 26.12 12.34 14.47
N TRP A 420 26.19 13.60 14.03
CA TRP A 420 25.10 14.54 14.23
C TRP A 420 24.47 15.04 12.95
N GLY A 421 25.03 14.74 11.78
CA GLY A 421 24.48 15.25 10.55
C GLY A 421 24.92 14.44 9.37
N SER A 422 24.24 14.68 8.24
CA SER A 422 24.54 13.97 7.00
C SER A 422 24.22 14.88 5.82
N ILE A 423 25.04 14.79 4.78
CA ILE A 423 24.83 15.54 3.54
C ILE A 423 25.03 14.60 2.37
N ASN A 424 24.06 14.53 1.48
CA ASN A 424 24.11 13.65 0.32
C ASN A 424 23.90 14.48 -0.93
N THR A 425 24.84 14.41 -1.86
CA THR A 425 24.72 15.08 -3.14
C THR A 425 24.52 14.04 -4.22
N GLU A 426 23.68 14.32 -5.20
CA GLU A 426 23.40 13.34 -6.24
C GLU A 426 23.22 14.03 -7.58
N ALA A 427 23.88 13.49 -8.61
CA ALA A 427 23.72 13.94 -9.98
C ALA A 427 23.18 12.77 -10.79
N LYS A 428 22.08 13.00 -11.48
CA LYS A 428 21.36 11.98 -12.22
C LYS A 428 21.17 12.44 -13.65
N PHE A 429 21.11 11.49 -14.57
CA PHE A 429 20.94 11.79 -15.98
C PHE A 429 19.80 10.93 -16.51
N LEU A 430 18.86 11.53 -17.22
CA LEU A 430 17.70 10.81 -17.75
C LEU A 430 17.72 10.90 -19.27
N ALA A 431 17.69 9.75 -19.93
CA ALA A 431 17.67 9.69 -21.39
C ALA A 431 16.54 8.76 -21.81
N THR A 432 15.53 9.31 -22.49
CA THR A 432 14.36 8.55 -22.91
C THR A 432 14.20 8.66 -24.42
N HIS A 433 13.85 7.54 -25.05
CA HIS A 433 13.51 7.52 -26.46
C HIS A 433 12.11 6.93 -26.60
N TYR A 434 11.23 7.70 -27.23
CA TYR A 434 9.86 7.30 -27.52
C TYR A 434 9.72 7.05 -29.01
N GLN A 435 9.16 5.91 -29.37
CA GLN A 435 8.78 5.60 -30.75
C GLN A 435 7.30 5.24 -30.71
N GLN A 436 6.44 6.19 -31.06
CA GLN A 436 5.00 6.00 -30.98
C GLN A 436 4.39 6.08 -32.37
N THR A 437 3.49 5.14 -32.65
CA THR A 437 2.78 5.05 -33.92
C THR A 437 1.29 4.99 -33.63
N ASN A 438 0.50 4.92 -34.71
CA ASN A 438 -0.95 4.92 -34.65
C ASN A 438 -1.45 6.23 -34.03
N LEU A 439 -1.11 7.33 -34.70
CA LEU A 439 -1.40 8.67 -34.18
C LEU A 439 -2.34 9.47 -35.08
N ASP A 440 -2.94 8.84 -36.09
CA ASP A 440 -3.81 9.58 -36.99
C ASP A 440 -5.06 10.09 -36.27
N TRP A 441 -5.65 9.27 -35.42
CA TRP A 441 -6.86 9.65 -34.71
C TRP A 441 -6.61 10.81 -33.75
N TYR A 442 -5.61 10.65 -32.87
CA TYR A 442 -5.33 11.67 -31.87
C TYR A 442 -4.84 12.96 -32.51
N ASN A 443 -3.95 12.85 -33.51
CA ASN A 443 -3.51 14.04 -34.21
C ASN A 443 -4.64 14.67 -35.02
N SER A 444 -5.64 13.87 -35.41
CA SER A 444 -6.76 14.40 -36.17
C SER A 444 -7.70 15.21 -35.30
N ARG A 445 -7.99 14.76 -34.07
CA ARG A 445 -8.96 15.48 -33.25
C ARG A 445 -8.34 16.32 -32.13
N ASN A 446 -7.02 16.33 -31.99
CA ASN A 446 -6.38 17.14 -30.95
C ASN A 446 -5.48 18.19 -31.58
N THR A 447 -5.53 19.41 -31.02
CA THR A 447 -4.77 20.51 -31.58
C THR A 447 -3.27 20.31 -31.45
N THR A 448 -2.81 19.75 -30.34
CA THR A 448 -1.39 19.45 -30.16
C THR A 448 -1.06 18.13 -30.84
N LYS A 449 0.08 18.08 -31.51
CA LYS A 449 0.44 16.95 -32.37
C LYS A 449 1.47 16.07 -31.69
N LEU A 450 1.17 14.78 -31.62
CA LEU A 450 2.17 13.80 -31.20
C LEU A 450 3.16 13.54 -32.33
N ASP A 451 4.42 13.35 -31.96
CA ASP A 451 5.46 12.99 -32.92
C ASP A 451 5.83 11.52 -32.76
N GLU A 452 6.15 10.88 -33.89
CA GLU A 452 6.45 9.46 -33.89
C GLU A 452 7.73 9.15 -33.13
N SER A 453 8.72 10.04 -33.20
CA SER A 453 10.00 9.83 -32.53
C SER A 453 10.28 11.01 -31.61
N VAL A 454 10.63 10.72 -30.36
CA VAL A 454 10.89 11.75 -29.37
C VAL A 454 12.13 11.34 -28.57
N ASN A 455 13.01 12.31 -28.33
CA ASN A 455 14.21 12.10 -27.51
C ASN A 455 14.21 13.11 -26.39
N ARG A 456 14.17 12.64 -25.15
CA ARG A 456 14.11 13.50 -23.97
C ARG A 456 15.36 13.24 -23.14
N VAL A 457 16.27 14.21 -23.14
CA VAL A 457 17.54 14.10 -22.42
C VAL A 457 17.62 15.24 -21.43
N MET A 458 17.91 14.90 -20.16
CA MET A 458 17.77 15.93 -19.13
C MET A 458 18.44 15.54 -17.82
N PRO A 459 19.22 16.44 -17.23
CA PRO A 459 19.91 16.16 -15.97
C PRO A 459 19.00 16.38 -14.76
N GLN A 460 19.54 16.05 -13.59
CA GLN A 460 18.87 16.28 -12.33
C GLN A 460 19.93 16.42 -11.24
N PHE A 461 19.76 17.42 -10.38
CA PHE A 461 20.69 17.69 -9.30
C PHE A 461 19.93 17.71 -7.99
N LYS A 462 20.43 16.98 -6.99
CA LYS A 462 19.74 16.91 -5.71
C LYS A 462 20.76 17.05 -4.58
N VAL A 463 20.38 17.79 -3.54
CA VAL A 463 21.24 17.98 -2.38
C VAL A 463 20.37 17.84 -1.14
N ASP A 464 20.58 16.78 -0.37
CA ASP A 464 19.80 16.51 0.83
C ASP A 464 20.70 16.66 2.05
N GLY A 465 20.16 17.27 3.10
CA GLY A 465 20.91 17.45 4.33
C GLY A 465 20.01 17.20 5.53
N LYS A 466 20.61 16.64 6.57
CA LYS A 466 19.86 16.27 7.77
C LYS A 466 20.72 16.52 8.99
N MET A 467 20.09 16.99 10.06
CA MET A 467 20.77 17.24 11.33
C MET A 467 19.98 16.61 12.46
N VAL A 468 20.69 16.26 13.54
CA VAL A 468 20.08 15.63 14.70
C VAL A 468 20.54 16.39 15.95
N PHE A 469 19.59 16.93 16.69
CA PHE A 469 19.82 17.59 17.97
C PHE A 469 19.15 16.77 19.07
N GLU A 470 19.79 16.71 20.23
CA GLU A 470 19.26 15.96 21.35
C GLU A 470 19.22 16.83 22.60
N ARG A 471 18.21 16.60 23.43
CA ARG A 471 18.12 17.25 24.73
C ARG A 471 17.53 16.27 25.72
N ASP A 472 17.82 16.48 27.00
CA ASP A 472 17.27 15.67 28.06
C ASP A 472 16.00 16.35 28.59
N MET A 473 14.91 15.60 28.63
CA MET A 473 13.62 16.16 29.04
C MET A 473 13.59 16.24 30.56
N GLU A 474 13.77 17.44 31.09
CA GLU A 474 13.81 17.65 32.53
C GLU A 474 12.44 17.99 33.10
N MET A 475 11.67 18.83 32.40
CA MET A 475 10.35 19.21 32.89
C MET A 475 9.42 18.02 32.94
N LEU A 476 9.48 17.15 31.92
CA LEU A 476 8.77 15.88 31.95
C LEU A 476 9.59 14.92 32.80
N ALA A 477 9.20 13.64 32.84
CA ALA A 477 9.86 12.66 33.68
C ALA A 477 11.32 12.49 33.25
N PRO A 478 12.26 12.54 34.20
CA PRO A 478 13.68 12.40 33.84
C PRO A 478 13.98 11.05 33.20
N GLY A 479 14.97 11.05 32.33
CA GLY A 479 15.35 9.88 31.56
C GLY A 479 14.83 9.88 30.14
N TYR A 480 13.89 10.76 29.81
CA TYR A 480 13.36 10.86 28.46
C TYR A 480 14.20 11.83 27.65
N THR A 481 14.49 11.46 26.41
CA THR A 481 15.32 12.25 25.51
C THR A 481 14.47 12.73 24.34
N GLN A 482 14.61 14.00 23.99
CA GLN A 482 13.91 14.58 22.86
C GLN A 482 14.90 14.86 21.74
N THR A 483 14.58 14.41 20.54
CA THR A 483 15.42 14.64 19.37
C THR A 483 14.69 15.52 18.37
N LEU A 484 15.38 16.55 17.89
CA LEU A 484 14.87 17.45 16.87
C LEU A 484 15.71 17.25 15.62
N GLU A 485 15.04 16.96 14.50
CA GLU A 485 15.69 16.49 13.29
C GLU A 485 15.30 17.42 12.16
N PRO A 486 16.07 18.48 11.92
CA PRO A 486 15.86 19.28 10.71
C PRO A 486 16.34 18.55 9.47
N ARG A 487 15.65 18.80 8.36
CA ARG A 487 15.98 18.18 7.09
C ARG A 487 15.67 19.17 5.97
N ALA A 488 16.59 19.28 5.02
CA ALA A 488 16.44 20.17 3.88
C ALA A 488 16.84 19.44 2.61
N GLN A 489 16.31 19.92 1.48
CA GLN A 489 16.57 19.26 0.21
C GLN A 489 16.39 20.26 -0.92
N TYR A 490 17.44 20.51 -1.69
CA TYR A 490 17.35 21.32 -2.90
C TYR A 490 17.32 20.41 -4.10
N LEU A 491 16.35 20.65 -4.99
CA LEU A 491 16.16 19.82 -6.17
C LEU A 491 16.06 20.69 -7.41
N TYR A 492 16.88 20.38 -8.41
CA TYR A 492 16.87 21.10 -9.69
C TYR A 492 16.72 20.10 -10.83
N VAL A 493 15.72 20.32 -11.66
CA VAL A 493 15.42 19.52 -12.83
C VAL A 493 14.99 20.48 -13.94
N PRO A 494 15.75 20.58 -15.03
CA PRO A 494 15.43 21.58 -16.06
C PRO A 494 14.13 21.26 -16.79
N TYR A 495 13.51 22.30 -17.32
CA TYR A 495 12.22 22.15 -17.99
C TYR A 495 12.42 21.68 -19.42
N ARG A 496 11.68 20.64 -19.81
CA ARG A 496 11.66 20.15 -21.18
C ARG A 496 10.22 19.98 -21.62
N ASP A 497 9.90 20.51 -22.80
CA ASP A 497 8.53 20.44 -23.30
C ASP A 497 8.16 18.99 -23.57
N GLN A 498 7.00 18.57 -23.08
CA GLN A 498 6.57 17.17 -23.18
C GLN A 498 5.13 17.04 -23.65
N SER A 499 4.62 18.04 -24.38
CA SER A 499 3.27 17.96 -24.91
C SER A 499 3.16 17.00 -26.09
N ASP A 500 4.28 16.59 -26.67
CA ASP A 500 4.29 15.70 -27.81
C ASP A 500 4.34 14.23 -27.42
N ILE A 501 4.35 13.93 -26.13
CA ILE A 501 4.39 12.56 -25.64
C ILE A 501 3.07 12.30 -24.92
N TYR A 502 2.35 11.28 -25.36
CA TYR A 502 1.13 10.89 -24.69
C TYR A 502 1.46 10.33 -23.31
N ASN A 503 0.55 10.56 -22.36
CA ASN A 503 0.74 10.12 -20.98
C ASN A 503 0.22 8.69 -20.87
N TYR A 504 1.13 7.73 -20.77
CA TYR A 504 0.77 6.32 -20.69
C TYR A 504 0.71 5.82 -19.25
N ASP A 505 1.72 6.14 -18.43
CA ASP A 505 1.79 5.58 -17.09
C ASP A 505 2.28 6.60 -16.06
N SER A 506 1.97 7.88 -16.24
CA SER A 506 2.41 8.92 -15.32
C SER A 506 1.19 9.53 -14.64
N SER A 507 1.21 9.52 -13.30
CA SER A 507 0.13 10.09 -12.51
C SER A 507 0.72 10.87 -11.34
N LEU A 508 -0.07 11.80 -10.83
CA LEU A 508 0.36 12.61 -9.70
C LEU A 508 0.56 11.74 -8.46
N LEU A 509 1.53 12.12 -7.64
CA LEU A 509 1.84 11.40 -6.40
C LEU A 509 1.43 12.25 -5.20
N GLN A 510 0.84 11.60 -4.20
CA GLN A 510 0.47 12.30 -2.99
C GLN A 510 1.70 12.78 -2.25
N SER A 511 1.56 13.93 -1.57
CA SER A 511 2.65 14.54 -0.83
C SER A 511 2.32 14.48 0.66
N ASP A 512 2.66 13.36 1.28
CA ASP A 512 2.69 13.26 2.73
C ASP A 512 4.03 13.84 3.21
N TYR A 513 4.37 13.65 4.49
CA TYR A 513 5.67 14.15 4.95
C TYR A 513 6.81 13.38 4.30
N SER A 514 6.65 12.06 4.13
CA SER A 514 7.66 11.28 3.44
C SER A 514 7.74 11.67 1.97
N GLY A 515 6.59 11.99 1.37
CA GLY A 515 6.56 12.36 -0.04
C GLY A 515 7.04 13.76 -0.35
N LEU A 516 7.21 14.61 0.66
CA LEU A 516 7.75 15.95 0.42
C LEU A 516 9.18 15.88 -0.10
N PHE A 517 9.95 14.91 0.36
CA PHE A 517 11.35 14.78 0.00
C PHE A 517 11.57 13.88 -1.20
N ARG A 518 10.50 13.39 -1.80
CA ARG A 518 10.61 12.63 -3.04
C ARG A 518 11.04 13.53 -4.18
N ASP A 519 11.86 12.99 -5.08
CA ASP A 519 12.41 13.76 -6.19
C ASP A 519 11.54 13.70 -7.45
N ARG A 520 10.41 13.00 -7.40
CA ARG A 520 9.52 12.86 -8.54
C ARG A 520 8.13 13.34 -8.16
N THR A 521 7.49 14.06 -9.07
CA THR A 521 6.11 14.51 -8.87
C THR A 521 5.10 13.70 -9.68
N TYR A 522 5.54 12.90 -10.63
CA TYR A 522 4.69 11.92 -11.31
C TYR A 522 5.33 10.55 -11.24
N GLY A 523 4.48 9.52 -11.23
CA GLY A 523 4.96 8.17 -11.40
C GLY A 523 5.29 7.90 -12.86
N GLY A 524 5.92 6.74 -13.09
CA GLY A 524 6.29 6.40 -14.45
C GLY A 524 7.38 7.30 -14.98
N LEU A 525 7.41 7.42 -16.31
CA LEU A 525 8.45 8.22 -16.97
C LEU A 525 7.90 9.08 -18.10
N ASP A 526 6.58 9.13 -18.29
CA ASP A 526 6.02 9.96 -19.36
C ASP A 526 6.03 11.43 -19.02
N ARG A 527 5.75 11.78 -17.76
CA ARG A 527 5.71 13.16 -17.30
C ARG A 527 6.80 13.35 -16.26
N ILE A 528 7.71 14.28 -16.53
CA ILE A 528 8.79 14.63 -15.62
C ILE A 528 8.77 16.14 -15.50
N ALA A 529 8.10 16.65 -14.47
CA ALA A 529 7.97 18.10 -14.29
C ALA A 529 9.32 18.72 -13.95
N SER A 530 9.56 19.91 -14.48
CA SER A 530 10.72 20.68 -14.08
C SER A 530 10.57 21.09 -12.62
N ALA A 531 11.71 21.23 -11.94
CA ALA A 531 11.68 21.51 -10.52
C ALA A 531 12.82 22.45 -10.15
N ASN A 532 12.51 23.50 -9.40
CA ASN A 532 13.52 24.33 -8.73
C ASN A 532 12.98 24.52 -7.33
N GLN A 533 13.28 23.57 -6.44
CA GLN A 533 12.56 23.45 -5.19
C GLN A 533 13.51 23.35 -4.01
N VAL A 534 13.06 23.82 -2.86
CA VAL A 534 13.69 23.54 -1.59
C VAL A 534 12.62 23.02 -0.64
N THR A 535 12.88 21.86 -0.05
CA THR A 535 11.98 21.21 0.89
C THR A 535 12.59 21.27 2.28
N THR A 536 11.80 21.73 3.24
CA THR A 536 12.26 21.85 4.62
C THR A 536 11.28 21.14 5.53
N GLY A 537 11.80 20.29 6.42
CA GLY A 537 10.97 19.59 7.37
C GLY A 537 11.67 19.45 8.70
N VAL A 538 10.88 19.19 9.73
CA VAL A 538 11.39 18.98 11.08
C VAL A 538 10.65 17.79 11.68
N THR A 539 11.39 16.88 12.29
CA THR A 539 10.81 15.74 12.98
C THR A 539 11.26 15.73 14.43
N SER A 540 10.31 15.63 15.35
CA SER A 540 10.62 15.58 16.77
C SER A 540 10.24 14.21 17.32
N ARG A 541 11.15 13.61 18.08
CA ARG A 541 10.94 12.27 18.63
C ARG A 541 11.17 12.30 20.13
N ILE A 542 10.39 11.49 20.85
CA ILE A 542 10.51 11.34 22.29
C ILE A 542 10.95 9.91 22.58
N TYR A 543 11.87 9.77 23.53
CA TYR A 543 12.41 8.46 23.90
C TYR A 543 12.31 8.32 25.42
N ASP A 544 11.87 7.15 25.86
CA ASP A 544 11.77 6.88 27.29
C ASP A 544 13.14 6.46 27.83
N ASP A 545 13.18 6.00 29.09
CA ASP A 545 14.45 5.62 29.68
C ASP A 545 15.04 4.38 29.03
N ALA A 546 14.23 3.55 28.38
CA ALA A 546 14.70 2.36 27.70
C ALA A 546 15.07 2.61 26.25
N ALA A 547 15.06 3.88 25.82
CA ALA A 547 15.42 4.25 24.45
C ALA A 547 14.42 3.68 23.44
N VAL A 548 13.14 3.74 23.77
CA VAL A 548 12.06 3.30 22.90
C VAL A 548 11.30 4.53 22.44
N GLU A 549 11.08 4.63 21.13
CA GLU A 549 10.39 5.78 20.56
C GLU A 549 8.93 5.79 21.02
N ARG A 550 8.53 6.86 21.71
CA ARG A 550 7.21 6.96 22.30
C ARG A 550 6.30 7.93 21.54
N PHE A 551 6.90 8.85 20.79
CA PHE A 551 6.16 9.93 20.13
C PHE A 551 7.03 10.50 19.03
N ASN A 552 6.41 10.84 17.91
CA ASN A 552 7.10 11.54 16.83
C ASN A 552 6.10 12.42 16.10
N ILE A 553 6.55 13.61 15.71
CA ILE A 553 5.73 14.56 14.97
C ILE A 553 6.58 15.16 13.86
N SER A 554 5.98 15.33 12.69
CA SER A 554 6.69 15.83 11.53
C SER A 554 5.87 16.89 10.83
N VAL A 555 6.55 17.95 10.39
CA VAL A 555 5.91 19.01 9.62
C VAL A 555 6.90 19.49 8.57
N GLY A 556 6.39 19.78 7.38
CA GLY A 556 7.28 20.19 6.30
C GLY A 556 6.52 20.96 5.24
N GLN A 557 7.29 21.59 4.36
CA GLN A 557 6.73 22.41 3.30
C GLN A 557 7.66 22.38 2.10
N ILE A 558 7.11 22.70 0.94
CA ILE A 558 7.87 22.77 -0.30
C ILE A 558 7.77 24.18 -0.86
N TYR A 559 8.91 24.82 -1.07
CA TYR A 559 8.99 26.15 -1.63
C TYR A 559 9.49 26.03 -3.07
N TYR A 560 8.70 26.55 -4.01
CA TYR A 560 9.05 26.55 -5.42
C TYR A 560 9.60 27.91 -5.79
N PHE A 561 10.85 27.95 -6.26
CA PHE A 561 11.43 29.19 -6.76
C PHE A 561 10.90 29.54 -8.14
N THR A 562 10.61 28.54 -8.97
CA THR A 562 10.00 28.74 -10.27
C THR A 562 8.89 27.72 -10.45
N GLU A 563 7.98 28.03 -11.36
CA GLU A 563 6.84 27.16 -11.60
C GLU A 563 7.28 25.80 -12.12
N SER A 564 6.68 24.74 -11.57
CA SER A 564 6.95 23.38 -12.04
C SER A 564 6.10 23.10 -13.27
N ARG A 565 6.74 22.97 -14.43
CA ARG A 565 6.05 22.82 -15.69
C ARG A 565 6.39 21.48 -16.31
N THR A 566 5.53 21.05 -17.24
CA THR A 566 5.79 19.86 -18.05
C THR A 566 5.48 20.07 -19.52
N GLY A 567 4.83 21.18 -19.88
CA GLY A 567 4.35 21.38 -21.23
C GLY A 567 2.97 20.84 -21.49
N ASP A 568 2.41 20.06 -20.56
CA ASP A 568 1.07 19.51 -20.64
C ASP A 568 0.35 19.69 -19.31
N ASP A 569 0.45 20.89 -18.76
CA ASP A 569 -0.08 21.19 -17.42
C ASP A 569 -1.57 21.43 -17.54
N ASN A 570 -2.35 20.37 -17.38
CA ASN A 570 -3.80 20.45 -17.49
C ASN A 570 -4.47 20.05 -16.17
N ILE A 571 -3.96 20.55 -15.05
CA ILE A 571 -4.51 20.27 -13.73
C ILE A 571 -5.38 21.45 -13.31
N THR A 572 -6.58 21.14 -12.82
CA THR A 572 -7.52 22.17 -12.39
C THR A 572 -7.15 22.64 -10.99
N TRP A 573 -6.64 23.87 -10.91
CA TRP A 573 -6.24 24.47 -9.64
C TRP A 573 -7.26 25.53 -9.23
N GLU A 574 -7.53 25.62 -7.93
CA GLU A 574 -8.51 26.57 -7.44
C GLU A 574 -8.05 28.01 -7.67
N ASN A 575 -6.77 28.29 -7.46
CA ASN A 575 -6.20 29.60 -7.71
C ASN A 575 -4.98 29.45 -8.62
N ASP A 576 -4.33 30.57 -8.90
CA ASP A 576 -3.20 30.63 -9.83
C ASP A 576 -1.85 30.74 -9.13
N ASP A 577 -1.72 30.10 -7.98
CA ASP A 577 -0.45 30.08 -7.26
C ASP A 577 0.55 29.23 -8.03
N LYS A 578 1.73 29.77 -8.25
CA LYS A 578 2.74 29.08 -9.04
C LYS A 578 4.08 28.96 -8.33
N THR A 579 4.47 29.97 -7.56
CA THR A 579 5.73 29.96 -6.83
C THR A 579 5.48 30.31 -5.37
N GLY A 580 6.39 29.90 -4.53
CA GLY A 580 6.29 30.13 -3.09
C GLY A 580 6.15 28.83 -2.33
N SER A 581 5.81 28.95 -1.05
CA SER A 581 5.63 27.79 -0.19
C SER A 581 4.22 27.26 -0.41
N LEU A 582 4.10 26.18 -1.18
CA LEU A 582 2.78 25.73 -1.63
C LEU A 582 2.29 24.47 -0.94
N VAL A 583 3.12 23.46 -0.74
CA VAL A 583 2.69 22.17 -0.21
C VAL A 583 3.16 22.06 1.23
N TRP A 584 2.25 21.68 2.13
CA TRP A 584 2.57 21.44 3.52
C TRP A 584 2.08 20.04 3.90
N ALA A 585 2.86 19.35 4.73
CA ALA A 585 2.49 18.03 5.18
C ALA A 585 2.79 17.89 6.66
N GLY A 586 2.07 16.99 7.33
CA GLY A 586 2.32 16.74 8.73
C GLY A 586 1.88 15.36 9.16
N ASP A 587 2.67 14.73 10.02
CA ASP A 587 2.37 13.40 10.55
C ASP A 587 2.57 13.40 12.05
N THR A 588 1.84 12.51 12.73
CA THR A 588 2.04 12.32 14.16
C THR A 588 1.69 10.88 14.51
N TYR A 589 2.46 10.31 15.43
CA TYR A 589 2.20 8.96 15.94
C TYR A 589 2.59 8.94 17.41
N TRP A 590 1.60 8.86 18.28
CA TRP A 590 1.80 8.87 19.72
C TRP A 590 1.42 7.48 20.23
N ARG A 591 2.36 6.81 20.89
CA ARG A 591 2.08 5.57 21.60
C ARG A 591 1.81 5.94 23.04
N ILE A 592 0.53 6.14 23.36
CA ILE A 592 0.15 6.68 24.67
C ILE A 592 0.53 5.72 25.78
N SER A 593 0.28 4.43 25.58
CA SER A 593 0.71 3.39 26.51
C SER A 593 0.96 2.13 25.69
N GLU A 594 1.07 0.99 26.37
CA GLU A 594 1.24 -0.27 25.66
C GLU A 594 -0.04 -0.72 24.96
N ARG A 595 -1.19 -0.16 25.35
CA ARG A 595 -2.47 -0.53 24.76
C ARG A 595 -3.14 0.57 23.96
N TRP A 596 -2.60 1.79 23.99
CA TRP A 596 -3.18 2.91 23.27
C TRP A 596 -2.24 3.35 22.15
N GLY A 597 -2.83 3.86 21.08
CA GLY A 597 -2.06 4.38 19.97
C GLY A 597 -2.87 5.42 19.23
N LEU A 598 -2.19 6.37 18.62
CA LEU A 598 -2.88 7.46 17.94
C LEU A 598 -2.02 7.97 16.80
N ARG A 599 -2.45 7.72 15.57
CA ARG A 599 -1.80 8.26 14.39
C ARG A 599 -2.68 9.30 13.71
N GLY A 600 -2.04 10.29 13.12
CA GLY A 600 -2.74 11.32 12.38
C GLY A 600 -1.86 11.87 11.29
N GLY A 601 -2.49 12.38 10.24
CA GLY A 601 -1.76 12.97 9.13
C GLY A 601 -2.59 13.99 8.38
N ILE A 602 -1.96 15.07 7.94
CA ILE A 602 -2.66 16.16 7.27
C ILE A 602 -1.82 16.66 6.10
N GLN A 603 -2.51 17.04 5.02
CA GLN A 603 -1.88 17.57 3.82
C GLN A 603 -2.59 18.84 3.41
N TYR A 604 -1.82 19.91 3.16
CA TYR A 604 -2.37 21.20 2.79
C TYR A 604 -1.74 21.65 1.48
N ASP A 605 -2.58 22.14 0.57
CA ASP A 605 -2.12 22.68 -0.70
C ASP A 605 -2.77 24.05 -0.90
N THR A 606 -1.95 25.09 -0.96
CA THR A 606 -2.47 26.44 -1.18
C THR A 606 -3.07 26.60 -2.57
N ARG A 607 -2.63 25.79 -3.53
CA ARG A 607 -3.25 25.82 -4.85
C ARG A 607 -4.68 25.31 -4.81
N LEU A 608 -4.97 24.33 -3.95
CA LEU A 608 -6.35 23.93 -3.71
C LEU A 608 -7.09 24.92 -2.82
N ASP A 609 -6.37 25.74 -2.06
CA ASP A 609 -6.96 26.70 -1.14
C ASP A 609 -7.81 26.00 -0.09
N ASN A 610 -7.35 24.84 0.37
CA ASN A 610 -8.09 24.02 1.32
C ASN A 610 -7.22 22.82 1.65
N VAL A 611 -7.51 22.19 2.80
CA VAL A 611 -6.82 20.97 3.16
C VAL A 611 -7.16 19.88 2.15
N ALA A 612 -6.13 19.24 1.60
CA ALA A 612 -6.34 18.25 0.56
C ALA A 612 -6.83 16.93 1.16
N THR A 613 -6.01 16.32 2.02
CA THR A 613 -6.34 15.04 2.63
C THR A 613 -5.94 15.07 4.10
N SER A 614 -6.68 14.32 4.92
CA SER A 614 -6.41 14.25 6.35
C SER A 614 -6.94 12.93 6.87
N ASN A 615 -6.18 12.31 7.77
CA ASN A 615 -6.58 11.05 8.38
C ASN A 615 -6.14 11.02 9.84
N SER A 616 -6.92 10.33 10.66
CA SER A 616 -6.61 10.19 12.08
C SER A 616 -7.27 8.92 12.59
N SER A 617 -6.66 8.31 13.60
CA SER A 617 -7.19 7.10 14.18
C SER A 617 -6.57 6.87 15.55
N ILE A 618 -7.40 6.46 16.50
CA ILE A 618 -6.95 6.09 17.84
C ILE A 618 -7.49 4.70 18.14
N GLU A 619 -6.61 3.80 18.55
CA GLU A 619 -6.99 2.41 18.79
C GLU A 619 -6.59 1.99 20.19
N TYR A 620 -7.47 1.23 20.84
CA TYR A 620 -7.16 0.51 22.06
C TYR A 620 -7.13 -0.98 21.74
N ARG A 621 -6.03 -1.64 22.09
CA ARG A 621 -5.83 -3.05 21.74
C ARG A 621 -5.25 -3.76 22.95
N ARG A 622 -6.11 -4.33 23.79
CA ARG A 622 -5.60 -5.21 24.84
C ARG A 622 -5.00 -6.47 24.25
N ASP A 623 -5.67 -7.08 23.27
CA ASP A 623 -5.12 -8.23 22.56
C ASP A 623 -5.98 -8.47 21.33
N GLU A 624 -5.69 -9.58 20.62
CA GLU A 624 -6.34 -9.84 19.34
C GLU A 624 -7.84 -10.05 19.49
N ASP A 625 -8.30 -10.52 20.65
CA ASP A 625 -9.72 -10.68 20.90
C ASP A 625 -10.35 -9.46 21.53
N ARG A 626 -9.58 -8.44 21.89
CA ARG A 626 -10.07 -7.35 22.72
C ARG A 626 -9.43 -6.06 22.21
N LEU A 627 -10.22 -5.25 21.50
CA LEU A 627 -9.72 -4.04 20.87
C LEU A 627 -10.89 -3.11 20.55
N VAL A 628 -10.55 -1.82 20.42
CA VAL A 628 -11.49 -0.79 19.99
C VAL A 628 -10.72 0.24 19.19
N GLN A 629 -11.31 0.70 18.09
CA GLN A 629 -10.64 1.65 17.22
C GLN A 629 -11.63 2.64 16.65
N LEU A 630 -11.22 3.91 16.58
CA LEU A 630 -11.92 4.96 15.87
C LEU A 630 -10.98 5.54 14.82
N ASN A 631 -11.52 5.88 13.65
CA ASN A 631 -10.70 6.45 12.61
C ASN A 631 -11.53 7.42 11.77
N TYR A 632 -10.82 8.36 11.13
CA TYR A 632 -11.46 9.39 10.33
C TYR A 632 -10.62 9.64 9.09
N HIS A 633 -11.28 9.73 7.93
CA HIS A 633 -10.60 9.93 6.66
C HIS A 633 -11.27 11.07 5.91
N TYR A 634 -10.46 11.98 5.38
CA TYR A 634 -10.97 13.17 4.71
C TYR A 634 -10.23 13.40 3.40
N ALA A 635 -10.97 13.86 2.39
CA ALA A 635 -10.41 14.26 1.11
C ALA A 635 -11.35 15.31 0.53
N SER A 636 -10.84 16.52 0.34
CA SER A 636 -11.70 17.63 -0.03
C SER A 636 -12.21 17.49 -1.45
N PRO A 637 -13.37 18.09 -1.75
CA PRO A 637 -13.85 18.09 -3.15
C PRO A 637 -12.90 18.78 -4.10
N GLU A 638 -12.18 19.80 -3.65
CA GLU A 638 -11.22 20.48 -4.51
C GLU A 638 -10.10 19.54 -4.94
N TYR A 639 -9.63 18.69 -4.03
CA TYR A 639 -8.57 17.76 -4.38
C TYR A 639 -9.08 16.68 -5.33
N ILE A 640 -10.33 16.24 -5.15
CA ILE A 640 -10.93 15.29 -6.08
C ILE A 640 -11.05 15.91 -7.46
N GLN A 641 -11.43 17.19 -7.53
CA GLN A 641 -11.49 17.89 -8.80
C GLN A 641 -10.11 18.00 -9.43
N ALA A 642 -9.09 18.28 -8.62
CA ALA A 642 -7.75 18.51 -9.15
C ALA A 642 -7.12 17.23 -9.68
N THR A 643 -7.20 16.14 -8.93
CA THR A 643 -6.41 14.96 -9.23
C THR A 643 -7.16 13.87 -10.01
N LEU A 644 -8.47 13.80 -9.88
CA LEU A 644 -9.22 12.70 -10.49
C LEU A 644 -9.68 13.06 -11.90
N PRO A 645 -10.31 12.12 -12.61
CA PRO A 645 -10.86 12.41 -13.94
C PRO A 645 -11.83 13.58 -13.94
N LYS A 646 -12.11 14.09 -15.14
CA LYS A 646 -12.97 15.25 -15.28
C LYS A 646 -14.40 14.97 -14.85
N TYR A 647 -14.91 13.78 -15.17
CA TYR A 647 -16.30 13.46 -14.83
C TYR A 647 -16.49 13.18 -13.35
N TYR A 648 -15.41 13.02 -12.58
CA TYR A 648 -15.55 12.88 -11.14
C TYR A 648 -16.10 14.15 -10.51
N SER A 649 -15.67 15.31 -11.02
CA SER A 649 -16.10 16.58 -10.44
C SER A 649 -17.57 16.87 -10.67
N THR A 650 -18.20 16.22 -11.65
CA THR A 650 -19.60 16.45 -11.95
C THR A 650 -20.49 15.28 -11.56
N ALA A 651 -19.92 14.12 -11.24
CA ALA A 651 -20.70 12.97 -10.84
C ALA A 651 -21.11 13.08 -9.38
N GLU A 652 -22.36 12.73 -9.09
CA GLU A 652 -22.90 12.93 -7.76
C GLU A 652 -22.24 12.03 -6.73
N GLN A 653 -21.73 10.88 -7.14
CA GLN A 653 -21.14 9.93 -6.22
C GLN A 653 -19.64 10.10 -6.03
N TYR A 654 -19.02 11.06 -6.72
CA TYR A 654 -17.61 11.38 -6.49
C TYR A 654 -17.32 12.83 -6.15
N LYS A 655 -18.23 13.76 -6.46
CA LYS A 655 -17.88 15.18 -6.42
C LYS A 655 -17.66 15.68 -5.00
N ASN A 656 -18.39 15.13 -4.02
CA ASN A 656 -18.35 15.67 -2.67
C ASN A 656 -17.07 15.31 -1.91
N GLY A 657 -16.23 14.45 -2.45
CA GLY A 657 -15.03 14.05 -1.75
C GLY A 657 -15.31 12.92 -0.76
N ILE A 658 -14.45 12.84 0.25
CA ILE A 658 -14.54 11.80 1.26
C ILE A 658 -14.56 12.45 2.64
N SER A 659 -15.51 12.04 3.47
CA SER A 659 -15.54 12.44 4.88
C SER A 659 -16.15 11.25 5.64
N GLN A 660 -15.30 10.37 6.14
CA GLN A 660 -15.71 9.06 6.60
C GLN A 660 -15.23 8.84 8.03
N VAL A 661 -16.15 8.40 8.89
CA VAL A 661 -15.85 8.09 10.29
C VAL A 661 -16.14 6.62 10.52
N GLY A 662 -15.16 5.88 11.00
CA GLY A 662 -15.29 4.45 11.20
C GLY A 662 -15.02 4.06 12.63
N ALA A 663 -15.80 3.11 13.14
CA ALA A 663 -15.65 2.59 14.49
C ALA A 663 -15.66 1.07 14.44
N VAL A 664 -14.71 0.45 15.14
CA VAL A 664 -14.56 -1.00 15.19
C VAL A 664 -14.39 -1.42 16.64
N ALA A 665 -15.03 -2.51 17.03
CA ALA A 665 -14.96 -2.97 18.41
C ALA A 665 -15.02 -4.49 18.46
N SER A 666 -14.36 -5.05 19.49
CA SER A 666 -14.40 -6.49 19.76
C SER A 666 -14.68 -6.72 21.24
N ARG A 667 -15.36 -7.83 21.54
CA ARG A 667 -15.78 -8.12 22.91
C ARG A 667 -15.93 -9.63 23.07
N PRO A 668 -14.99 -10.29 23.73
CA PRO A 668 -15.13 -11.72 24.01
C PRO A 668 -15.87 -11.97 25.32
N ILE A 669 -16.59 -13.09 25.37
CA ILE A 669 -17.38 -13.44 26.53
C ILE A 669 -17.02 -14.85 26.96
N ALA A 670 -16.45 -14.99 28.16
CA ALA A 670 -16.20 -16.25 28.83
C ALA A 670 -15.22 -17.16 28.09
N ASP A 671 -14.45 -16.60 27.15
CA ASP A 671 -13.45 -17.35 26.38
C ASP A 671 -14.18 -18.41 25.52
N ARG A 672 -15.42 -18.11 25.15
CA ARG A 672 -16.17 -18.94 24.20
C ARG A 672 -16.91 -18.15 23.16
N TRP A 673 -17.21 -16.88 23.38
CA TRP A 673 -17.96 -16.04 22.45
C TRP A 673 -17.11 -14.84 22.08
N SER A 674 -17.28 -14.38 20.84
CA SER A 674 -16.56 -13.20 20.35
C SER A 674 -17.51 -12.39 19.51
N ILE A 675 -17.82 -11.17 19.95
CA ILE A 675 -18.70 -10.26 19.23
C ILE A 675 -17.85 -9.15 18.64
N VAL A 676 -17.93 -8.98 17.32
CA VAL A 676 -17.19 -7.91 16.65
C VAL A 676 -18.18 -7.04 15.90
N GLY A 677 -17.89 -5.75 15.87
CA GLY A 677 -18.77 -4.81 15.20
C GLY A 677 -17.99 -3.73 14.51
N ALA A 678 -18.54 -3.24 13.40
CA ALA A 678 -17.94 -2.14 12.64
C ALA A 678 -19.05 -1.28 12.07
N TYR A 679 -18.81 0.03 12.06
CA TYR A 679 -19.76 0.99 11.52
C TYR A 679 -19.01 2.13 10.87
N TYR A 680 -19.29 2.38 9.59
CA TYR A 680 -18.65 3.45 8.83
C TYR A 680 -19.72 4.40 8.31
N TYR A 681 -19.50 5.69 8.51
CA TYR A 681 -20.49 6.73 8.28
C TYR A 681 -19.89 7.83 7.41
N ASP A 682 -20.57 8.18 6.33
CA ASP A 682 -20.19 9.30 5.49
C ASP A 682 -20.94 10.53 5.97
N THR A 683 -20.19 11.53 6.45
CA THR A 683 -20.78 12.71 7.07
C THR A 683 -21.26 13.73 6.04
N ASN A 684 -20.69 13.72 4.82
CA ASN A 684 -21.17 14.63 3.79
C ASN A 684 -22.60 14.27 3.37
N ALA A 685 -22.83 12.99 3.06
CA ALA A 685 -24.17 12.51 2.74
C ALA A 685 -24.98 12.17 3.99
N ASN A 686 -24.34 12.12 5.16
CA ASN A 686 -25.01 11.74 6.40
C ASN A 686 -25.62 10.35 6.31
N LYS A 687 -24.88 9.41 5.72
CA LYS A 687 -25.44 8.08 5.49
C LYS A 687 -24.39 7.01 5.70
N GLN A 688 -24.87 5.80 5.98
CA GLN A 688 -24.01 4.65 6.22
C GLN A 688 -23.26 4.25 4.96
N ALA A 689 -22.05 3.73 5.15
CA ALA A 689 -21.28 3.10 4.08
C ALA A 689 -21.10 1.61 4.26
N ASP A 690 -20.92 1.15 5.49
CA ASP A 690 -20.65 -0.24 5.79
C ASP A 690 -20.91 -0.51 7.26
N SER A 691 -21.58 -1.62 7.54
CA SER A 691 -21.80 -2.10 8.90
C SER A 691 -21.58 -3.61 8.93
N MET A 692 -21.01 -4.10 10.03
CA MET A 692 -20.68 -5.50 10.16
C MET A 692 -20.93 -5.94 11.59
N LEU A 693 -21.48 -7.14 11.75
CA LEU A 693 -21.62 -7.81 13.03
C LEU A 693 -21.17 -9.26 12.89
N GLY A 694 -20.58 -9.79 13.95
CA GLY A 694 -20.11 -11.15 13.93
C GLY A 694 -20.11 -11.80 15.30
N VAL A 695 -20.65 -13.01 15.40
CA VAL A 695 -20.69 -13.75 16.65
C VAL A 695 -20.17 -15.16 16.37
N GLN A 696 -19.10 -15.54 17.05
CA GLN A 696 -18.50 -16.85 16.87
C GLN A 696 -18.45 -17.56 18.22
N TYR A 697 -19.07 -18.73 18.28
CA TYR A 697 -18.99 -19.62 19.43
C TYR A 697 -17.92 -20.66 19.15
N SER A 698 -16.88 -20.67 19.97
CA SER A 698 -15.74 -21.55 19.77
C SER A 698 -15.74 -22.64 20.82
N SER A 699 -15.54 -23.88 20.38
CA SER A 699 -15.47 -25.02 21.29
C SER A 699 -14.20 -25.82 21.02
N CYS A 700 -14.06 -26.98 21.66
CA CYS A 700 -12.86 -27.78 21.49
C CYS A 700 -12.75 -28.33 20.08
N CYS A 701 -13.87 -28.81 19.51
CA CYS A 701 -13.85 -29.50 18.23
C CYS A 701 -14.52 -28.72 17.10
N TYR A 702 -15.40 -27.78 17.40
CA TYR A 702 -16.14 -27.06 16.38
C TYR A 702 -16.24 -25.59 16.74
N ALA A 703 -16.40 -24.77 15.70
CA ALA A 703 -16.61 -23.33 15.86
C ALA A 703 -17.74 -22.91 14.93
N ILE A 704 -18.70 -22.16 15.46
CA ILE A 704 -19.87 -21.73 14.70
C ILE A 704 -19.84 -20.21 14.60
N ARG A 705 -19.81 -19.70 13.37
CA ARG A 705 -19.70 -18.27 13.13
C ARG A 705 -20.94 -17.78 12.40
N VAL A 706 -21.50 -16.67 12.88
CA VAL A 706 -22.65 -16.03 12.25
C VAL A 706 -22.26 -14.58 11.96
N GLY A 707 -22.47 -14.16 10.72
CA GLY A 707 -22.06 -12.83 10.31
C GLY A 707 -23.20 -12.07 9.65
N TYR A 708 -23.05 -10.75 9.65
CA TYR A 708 -24.00 -9.84 9.02
C TYR A 708 -23.23 -8.64 8.49
N GLU A 709 -23.58 -8.21 7.28
CA GLU A 709 -22.96 -7.02 6.72
C GLU A 709 -23.96 -6.29 5.84
N ARG A 710 -23.92 -4.96 5.92
CA ARG A 710 -24.63 -4.09 4.98
C ARG A 710 -23.63 -3.11 4.41
N LYS A 711 -23.52 -3.07 3.09
CA LYS A 711 -22.46 -2.32 2.44
C LYS A 711 -23.01 -1.55 1.25
N LEU A 712 -22.32 -0.47 0.90
CA LEU A 712 -22.58 0.18 -0.38
C LEU A 712 -22.18 -0.75 -1.52
N ASN A 713 -23.11 -1.01 -2.43
CA ASN A 713 -22.90 -2.00 -3.48
C ASN A 713 -23.35 -1.43 -4.83
N GLY A 714 -22.88 -0.25 -5.16
CA GLY A 714 -23.09 0.32 -6.48
C GLY A 714 -24.03 1.52 -6.45
N TRP A 715 -24.29 2.04 -7.64
CA TRP A 715 -25.05 3.26 -7.83
C TRP A 715 -26.20 3.02 -8.80
N ASP A 716 -27.28 3.76 -8.60
CA ASP A 716 -28.44 3.74 -9.48
C ASP A 716 -28.55 5.11 -10.12
N ASN A 717 -28.27 5.17 -11.43
CA ASN A 717 -28.29 6.43 -12.17
C ASN A 717 -29.71 6.87 -12.52
N ASP A 718 -30.65 5.93 -12.62
CA ASP A 718 -32.03 6.30 -12.94
C ASP A 718 -32.64 7.18 -11.86
N LYS A 719 -32.35 6.86 -10.60
CA LYS A 719 -32.81 7.68 -9.48
C LYS A 719 -31.67 8.41 -8.79
N GLN A 720 -30.41 8.13 -9.15
CA GLN A 720 -29.25 8.80 -8.57
C GLN A 720 -29.15 8.55 -7.07
N HIS A 721 -29.01 7.28 -6.70
CA HIS A 721 -28.75 7.00 -5.29
C HIS A 721 -28.02 5.67 -5.16
N ALA A 722 -27.38 5.49 -4.01
CA ALA A 722 -26.59 4.29 -3.78
C ALA A 722 -27.50 3.07 -3.62
N VAL A 723 -26.92 1.90 -3.84
CA VAL A 723 -27.62 0.62 -3.69
C VAL A 723 -26.92 -0.17 -2.62
N TYR A 724 -27.69 -0.64 -1.63
CA TYR A 724 -27.15 -1.33 -0.48
C TYR A 724 -27.36 -2.84 -0.61
N ASP A 725 -26.54 -3.59 0.11
CA ASP A 725 -26.58 -5.05 0.09
C ASP A 725 -26.51 -5.58 1.52
N ASN A 726 -27.35 -6.57 1.81
CA ASN A 726 -27.38 -7.25 3.09
C ASN A 726 -26.97 -8.70 2.92
N ALA A 727 -26.31 -9.26 3.92
CA ALA A 727 -25.85 -10.64 3.86
C ALA A 727 -25.78 -11.21 5.26
N ILE A 728 -26.53 -12.28 5.50
CA ILE A 728 -26.49 -13.00 6.78
C ILE A 728 -26.10 -14.44 6.48
N GLY A 729 -24.96 -14.88 6.99
CA GLY A 729 -24.48 -16.21 6.69
C GLY A 729 -23.89 -16.87 7.93
N PHE A 730 -23.94 -18.19 7.93
CA PHE A 730 -23.32 -18.98 8.99
C PHE A 730 -22.50 -20.10 8.39
N ASN A 731 -21.35 -20.37 9.02
CA ASN A 731 -20.49 -21.47 8.63
C ASN A 731 -19.97 -22.17 9.89
N ILE A 732 -19.62 -23.44 9.75
CA ILE A 732 -19.13 -24.25 10.85
C ILE A 732 -17.76 -24.81 10.47
N GLU A 733 -16.81 -24.72 11.39
CA GLU A 733 -15.47 -25.22 11.20
C GLU A 733 -15.19 -26.32 12.23
N LEU A 734 -14.24 -27.18 11.90
CA LEU A 734 -13.88 -28.28 12.79
C LEU A 734 -12.41 -28.23 13.19
N GLY A 742 -8.06 -20.27 18.66
CA GLY A 742 -8.44 -18.87 18.78
C GLY A 742 -9.93 -18.65 18.70
N LEU A 743 -10.37 -17.43 19.00
CA LEU A 743 -11.79 -17.09 18.96
C LEU A 743 -12.22 -16.51 17.62
N GLY A 744 -11.31 -16.38 16.66
CA GLY A 744 -11.69 -15.91 15.34
C GLY A 744 -12.06 -14.45 15.25
N THR A 745 -11.59 -13.63 16.19
CA THR A 745 -11.92 -12.20 16.16
C THR A 745 -11.25 -11.51 14.96
N GLN A 746 -9.98 -11.82 14.72
CA GLN A 746 -9.26 -11.18 13.62
C GLN A 746 -9.85 -11.56 12.26
N GLU A 747 -10.26 -12.82 12.10
CA GLU A 747 -10.87 -13.23 10.83
C GLU A 747 -12.20 -12.53 10.60
N MET A 748 -13.00 -12.36 11.67
CA MET A 748 -14.26 -11.64 11.53
C MET A 748 -14.03 -10.16 11.21
N LEU A 749 -12.99 -9.57 11.80
CA LEU A 749 -12.71 -8.15 11.56
C LEU A 749 -12.21 -7.87 10.15
N ARG A 750 -11.82 -8.89 9.38
CA ARG A 750 -11.33 -8.73 8.02
C ARG A 750 -12.39 -9.00 6.97
N SER A 751 -13.64 -9.19 7.38
CA SER A 751 -14.67 -9.74 6.49
C SER A 751 -15.52 -8.69 5.80
N ASN A 752 -15.28 -7.41 6.04
CA ASN A 752 -16.08 -6.35 5.41
C ASN A 752 -15.27 -5.61 4.36
N ILE A 753 -15.96 -4.71 3.65
CA ILE A 753 -15.33 -3.99 2.55
C ILE A 753 -14.33 -2.94 3.01
N LEU A 754 -14.32 -2.62 4.30
CA LEU A 754 -13.35 -1.70 4.90
C LEU A 754 -12.69 -2.46 6.04
N PRO A 755 -11.73 -3.34 5.73
CA PRO A 755 -11.21 -4.26 6.75
C PRO A 755 -10.40 -3.55 7.82
N TYR A 756 -10.38 -4.16 9.00
CA TYR A 756 -9.67 -3.61 10.14
C TYR A 756 -8.17 -3.67 9.92
N GLN A 757 -7.47 -2.62 10.36
CA GLN A 757 -6.02 -2.55 10.33
C GLN A 757 -5.47 -2.23 11.70
N ASN A 758 -4.40 -2.93 12.09
CA ASN A 758 -3.78 -2.69 13.38
C ASN A 758 -3.14 -1.31 13.43
N THR A 759 -3.24 -0.67 14.59
CA THR A 759 -2.71 0.67 14.79
C THR A 759 -1.94 0.77 16.10
N LEU A 760 -1.99 -0.25 16.95
CA LEU A 760 -1.35 -0.28 18.27
C LEU A 760 -1.97 0.73 19.21
N CYS B 1 17.97 27.44 25.49
CA CYS B 1 17.81 26.11 24.91
C CYS B 1 18.83 25.13 25.49
N GLY B 2 18.34 23.97 25.91
CA GLY B 2 19.18 22.91 26.42
C GLY B 2 19.66 21.92 25.38
N TRP B 3 19.47 22.22 24.11
CA TRP B 3 19.79 21.28 23.04
C TRP B 3 21.30 21.19 22.82
N HIS B 4 21.70 20.13 22.15
CA HIS B 4 23.08 19.94 21.72
C HIS B 4 23.09 18.93 20.58
N LEU B 5 24.14 19.00 19.78
CA LEU B 5 24.28 18.05 18.68
C LEU B 5 24.46 16.64 19.22
N ARG B 6 23.89 15.66 18.51
CA ARG B 6 23.93 14.28 18.96
C ARG B 6 25.37 13.77 18.93
N ASP B 7 25.97 13.62 20.11
CA ASP B 7 27.35 13.17 20.22
C ASP B 7 27.49 11.66 20.12
N THR B 8 26.40 10.91 20.19
CA THR B 8 26.44 9.46 20.15
C THR B 8 26.01 8.97 18.78
N THR B 9 26.58 7.82 18.38
CA THR B 9 26.28 7.25 17.08
C THR B 9 24.85 6.73 17.05
N GLN B 10 24.27 6.73 15.84
CA GLN B 10 22.93 6.15 15.67
C GLN B 10 22.94 4.66 15.99
N VAL B 11 23.97 3.95 15.54
CA VAL B 11 24.12 2.53 15.85
C VAL B 11 25.07 2.41 17.03
N PRO B 12 24.80 1.52 17.99
CA PRO B 12 25.69 1.39 19.15
C PRO B 12 27.07 0.86 18.74
N SER B 13 28.05 1.15 19.59
CA SER B 13 29.43 0.80 19.29
C SER B 13 29.62 -0.71 19.22
N THR B 14 28.94 -1.47 20.08
CA THR B 14 29.07 -2.92 20.06
C THR B 14 28.52 -3.52 18.78
N MET B 15 27.54 -2.86 18.15
CA MET B 15 26.95 -3.32 16.90
C MET B 15 27.57 -2.64 15.68
N LYS B 16 28.82 -2.20 15.78
CA LYS B 16 29.47 -1.55 14.66
C LYS B 16 29.92 -2.53 13.60
N VAL B 17 30.32 -3.74 14.00
CA VAL B 17 30.62 -4.83 13.08
C VAL B 17 29.63 -5.95 13.38
N MET B 18 28.87 -6.37 12.37
CA MET B 18 27.77 -7.27 12.62
C MET B 18 27.45 -8.06 11.36
N ILE B 19 26.65 -9.11 11.53
CA ILE B 19 26.28 -10.03 10.45
C ILE B 19 24.85 -9.75 10.05
N LEU B 20 24.61 -9.65 8.74
CA LEU B 20 23.27 -9.54 8.18
C LEU B 20 22.87 -10.89 7.63
N ASP B 21 21.82 -11.49 8.20
CA ASP B 21 21.35 -12.80 7.82
C ASP B 21 19.87 -12.71 7.45
N SER B 22 19.50 -13.39 6.36
CA SER B 22 18.11 -13.42 5.93
C SER B 22 17.92 -14.58 4.97
N GLY B 23 16.67 -15.01 4.84
CA GLY B 23 16.34 -16.05 3.88
C GLY B 23 16.19 -15.59 2.46
N ASP B 24 16.12 -14.27 2.24
CA ASP B 24 16.04 -13.67 0.92
C ASP B 24 17.09 -12.58 0.83
N PRO B 25 18.37 -12.95 0.72
CA PRO B 25 19.44 -11.95 0.75
C PRO B 25 19.41 -10.98 -0.43
N ASN B 26 18.81 -11.37 -1.54
CA ASN B 26 18.74 -10.51 -2.73
C ASN B 26 17.44 -9.74 -2.82
N GLY B 27 16.56 -9.86 -1.83
CA GLY B 27 15.29 -9.19 -1.85
C GLY B 27 15.42 -7.69 -1.61
N PRO B 28 14.34 -6.95 -1.87
CA PRO B 28 14.41 -5.49 -1.67
C PRO B 28 14.62 -5.10 -0.21
N LEU B 29 14.02 -5.83 0.73
CA LEU B 29 14.18 -5.49 2.14
C LEU B 29 15.62 -5.69 2.60
N SER B 30 16.25 -6.78 2.16
CA SER B 30 17.65 -7.01 2.52
C SER B 30 18.55 -5.92 1.93
N ARG B 31 18.28 -5.51 0.69
CA ARG B 31 19.05 -4.43 0.09
C ARG B 31 18.87 -3.12 0.84
N ALA B 32 17.64 -2.79 1.22
CA ALA B 32 17.40 -1.56 1.97
C ALA B 32 18.08 -1.58 3.33
N VAL B 33 17.99 -2.71 4.03
CA VAL B 33 18.61 -2.82 5.35
C VAL B 33 20.12 -2.73 5.25
N ARG B 34 20.70 -3.41 4.25
CA ARG B 34 22.15 -3.33 4.05
C ARG B 34 22.58 -1.92 3.70
N ASN B 35 21.79 -1.21 2.90
CA ASN B 35 22.13 0.14 2.51
C ASN B 35 22.11 1.06 3.73
N GLN B 36 21.03 0.99 4.52
CA GLN B 36 20.92 1.82 5.71
C GLN B 36 21.99 1.50 6.74
N LEU B 37 22.37 0.23 6.86
CA LEU B 37 23.49 -0.12 7.72
C LEU B 37 24.80 0.43 7.17
N ARG B 38 24.92 0.51 5.85
CA ARG B 38 26.15 1.05 5.27
C ARG B 38 26.29 2.55 5.49
N LEU B 39 25.18 3.30 5.50
CA LEU B 39 25.27 4.72 5.87
C LEU B 39 25.76 4.89 7.31
N ASN B 40 25.30 4.05 8.22
CA ASN B 40 25.64 4.20 9.63
C ASN B 40 27.01 3.65 9.99
N GLY B 41 27.85 3.33 9.01
CA GLY B 41 29.19 2.86 9.29
C GLY B 41 29.29 1.41 9.73
N VAL B 42 28.18 0.68 9.71
CA VAL B 42 28.21 -0.70 10.16
C VAL B 42 28.96 -1.56 9.17
N GLU B 43 29.89 -2.36 9.67
CA GLU B 43 30.66 -3.28 8.83
C GLU B 43 29.93 -4.62 8.79
N LEU B 44 29.41 -4.97 7.62
CA LEU B 44 28.61 -6.17 7.45
C LEU B 44 29.52 -7.34 7.08
N LEU B 45 29.50 -8.37 7.90
CA LEU B 45 30.28 -9.57 7.67
C LEU B 45 29.41 -10.65 7.03
N ASP B 46 30.06 -11.56 6.31
CA ASP B 46 29.36 -12.72 5.77
C ASP B 46 28.91 -13.61 6.92
N LYS B 47 27.79 -14.30 6.70
CA LYS B 47 27.24 -15.16 7.74
C LYS B 47 28.14 -16.36 8.03
N GLU B 48 29.00 -16.75 7.10
CA GLU B 48 29.84 -17.92 7.25
C GLU B 48 31.23 -17.62 7.80
N THR B 49 31.52 -16.36 8.14
CA THR B 49 32.84 -16.01 8.65
C THR B 49 33.07 -16.64 10.02
N THR B 50 34.34 -16.89 10.32
CA THR B 50 34.72 -17.52 11.58
C THR B 50 34.59 -16.60 12.78
N ARG B 51 34.51 -15.29 12.56
CA ARG B 51 34.40 -14.33 13.66
C ARG B 51 33.02 -14.46 14.28
N LYS B 52 32.95 -15.12 15.43
CA LYS B 52 31.67 -15.43 16.07
C LYS B 52 31.26 -14.41 17.12
N ASP B 53 32.17 -13.54 17.56
CA ASP B 53 31.87 -12.58 18.62
C ASP B 53 31.35 -11.26 18.04
N VAL B 54 30.34 -11.37 17.18
CA VAL B 54 29.68 -10.21 16.61
C VAL B 54 28.18 -10.42 16.65
N PRO B 55 27.39 -9.39 16.89
CA PRO B 55 25.93 -9.56 16.90
C PRO B 55 25.40 -9.83 15.50
N SER B 56 24.30 -10.57 15.44
CA SER B 56 23.69 -10.94 14.17
C SER B 56 22.33 -10.30 14.04
N LEU B 57 21.97 -9.87 12.83
CA LEU B 57 20.65 -9.33 12.55
C LEU B 57 19.99 -10.21 11.50
N ARG B 58 18.97 -10.93 11.91
CA ARG B 58 18.28 -11.90 11.05
C ARG B 58 16.92 -11.33 10.66
N LEU B 59 16.78 -10.96 9.39
CA LEU B 59 15.50 -10.49 8.89
C LEU B 59 14.51 -11.65 8.78
N GLY B 60 13.26 -11.39 9.18
CA GLY B 60 12.25 -12.42 9.17
C GLY B 60 11.17 -12.20 8.13
N LYS B 61 9.93 -12.47 8.51
CA LYS B 61 8.82 -12.37 7.57
C LYS B 61 8.52 -10.92 7.21
N VAL B 62 8.21 -10.69 5.94
CA VAL B 62 7.78 -9.39 5.44
C VAL B 62 6.40 -9.54 4.85
N SER B 63 5.47 -8.69 5.28
CA SER B 63 4.10 -8.75 4.83
C SER B 63 3.67 -7.39 4.30
N ILE B 64 3.06 -7.37 3.13
CA ILE B 64 2.52 -6.16 2.52
C ILE B 64 1.06 -6.39 2.22
N ALA B 65 0.19 -5.52 2.73
CA ALA B 65 -1.24 -5.66 2.55
C ALA B 65 -1.82 -4.37 2.01
N LYS B 66 -2.61 -4.47 0.94
CA LYS B 66 -3.31 -3.34 0.36
C LYS B 66 -4.81 -3.51 0.56
N ASP B 67 -5.43 -2.56 1.24
CA ASP B 67 -6.84 -2.63 1.55
C ASP B 67 -7.52 -1.31 1.20
N THR B 68 -8.84 -1.27 1.36
CA THR B 68 -9.63 -0.09 1.05
C THR B 68 -9.80 0.72 2.32
N ALA B 69 -9.15 1.88 2.39
CA ALA B 69 -9.29 2.75 3.55
C ALA B 69 -10.64 3.45 3.55
N SER B 70 -11.08 3.94 2.41
CA SER B 70 -12.37 4.61 2.30
C SER B 70 -12.93 4.34 0.91
N VAL B 71 -14.25 4.51 0.80
CA VAL B 71 -14.97 4.23 -0.44
C VAL B 71 -15.76 5.48 -0.84
N PHE B 72 -16.08 5.55 -2.12
CA PHE B 72 -16.88 6.66 -2.62
C PHE B 72 -18.35 6.45 -2.28
N ARG B 73 -19.20 7.33 -2.79
CA ARG B 73 -20.61 7.28 -2.46
C ARG B 73 -21.32 6.11 -3.13
N ASN B 74 -20.70 5.51 -4.15
CA ASN B 74 -21.28 4.36 -4.84
C ASN B 74 -20.66 3.03 -4.42
N GLY B 75 -19.78 3.03 -3.43
CA GLY B 75 -19.15 1.83 -2.95
C GLY B 75 -17.80 1.53 -3.56
N GLN B 76 -17.41 2.23 -4.62
CA GLN B 76 -16.09 2.04 -5.20
C GLN B 76 -15.01 2.53 -4.25
N THR B 77 -13.84 1.92 -4.35
CA THR B 77 -12.72 2.31 -3.51
C THR B 77 -12.22 3.69 -3.88
N ALA B 78 -11.86 4.47 -2.88
CA ALA B 78 -11.25 5.78 -3.09
C ALA B 78 -9.81 5.82 -2.62
N GLU B 79 -9.54 5.42 -1.38
CA GLU B 79 -8.21 5.39 -0.82
C GLU B 79 -7.75 3.95 -0.66
N TYR B 80 -6.54 3.65 -1.09
CA TYR B 80 -5.89 2.38 -0.84
C TYR B 80 -4.87 2.57 0.26
N GLN B 81 -5.00 1.77 1.31
CA GLN B 81 -4.09 1.77 2.46
C GLN B 81 -3.14 0.58 2.29
N MET B 82 -1.85 0.88 2.13
CA MET B 82 -0.82 -0.15 2.07
C MET B 82 -0.08 -0.17 3.39
N ILE B 83 0.06 -1.37 3.95
CA ILE B 83 0.66 -1.58 5.26
C ILE B 83 1.77 -2.61 5.12
N MET B 84 2.96 -2.27 5.60
CA MET B 84 4.11 -3.15 5.56
C MET B 84 4.53 -3.51 6.98
N THR B 85 4.64 -4.80 7.26
CA THR B 85 5.09 -5.30 8.54
C THR B 85 6.33 -6.14 8.35
N VAL B 86 7.37 -5.82 9.11
CA VAL B 86 8.65 -6.53 9.04
C VAL B 86 9.02 -6.99 10.44
N ASN B 87 9.37 -8.26 10.56
CA ASN B 87 9.82 -8.83 11.83
C ASN B 87 11.29 -9.24 11.69
N ALA B 88 12.11 -8.83 12.64
CA ALA B 88 13.53 -9.14 12.60
C ALA B 88 13.98 -9.56 13.98
N THR B 89 15.17 -10.13 14.05
CA THR B 89 15.72 -10.61 15.32
C THR B 89 17.16 -10.14 15.42
N VAL B 90 17.59 -9.81 16.64
CA VAL B 90 18.97 -9.44 16.90
C VAL B 90 19.53 -10.45 17.89
N LEU B 91 20.51 -11.23 17.45
CA LEU B 91 21.19 -12.19 18.31
C LEU B 91 22.43 -11.52 18.88
N ILE B 92 22.40 -11.27 20.18
CA ILE B 92 23.62 -10.86 20.89
C ILE B 92 24.36 -12.12 21.34
N PRO B 93 25.56 -12.37 20.82
CA PRO B 93 26.16 -13.71 20.91
C PRO B 93 26.59 -14.08 22.31
N GLY B 94 26.06 -15.19 22.81
CA GLY B 94 26.27 -15.59 24.17
C GLY B 94 25.46 -14.82 25.19
N ARG B 95 24.63 -13.87 24.75
CA ARG B 95 23.83 -13.06 25.65
C ARG B 95 22.34 -13.32 25.51
N ASP B 96 21.75 -13.11 24.33
CA ASP B 96 20.30 -13.20 24.25
C ASP B 96 19.84 -13.05 22.80
N ILE B 97 18.52 -13.16 22.64
CA ILE B 97 17.83 -12.97 21.36
C ILE B 97 16.76 -11.92 21.57
N TYR B 98 16.76 -10.87 20.76
CA TYR B 98 15.84 -9.76 20.92
C TYR B 98 15.01 -9.57 19.66
N PRO B 99 13.70 -9.81 19.70
CA PRO B 99 12.86 -9.51 18.54
C PRO B 99 12.63 -8.02 18.38
N ILE B 100 12.52 -7.59 17.13
CA ILE B 100 12.19 -6.21 16.78
C ILE B 100 11.26 -6.23 15.59
N SER B 101 10.55 -5.12 15.38
CA SER B 101 9.58 -5.05 14.30
C SER B 101 9.54 -3.64 13.75
N ALA B 102 9.02 -3.52 12.54
CA ALA B 102 8.85 -2.23 11.87
C ALA B 102 7.58 -2.27 11.03
N LYS B 103 6.67 -1.33 11.28
CA LYS B 103 5.41 -1.29 10.55
C LYS B 103 5.24 0.09 9.93
N VAL B 104 4.90 0.12 8.65
CA VAL B 104 4.88 1.34 7.84
C VAL B 104 3.53 1.46 7.16
N PHE B 105 2.97 2.67 7.15
CA PHE B 105 1.69 2.97 6.53
C PHE B 105 1.86 3.93 5.36
N ARG B 106 1.16 3.66 4.27
CA ARG B 106 1.07 4.60 3.15
C ARG B 106 -0.31 4.50 2.53
N SER B 107 -0.69 5.53 1.78
CA SER B 107 -2.02 5.55 1.18
C SER B 107 -1.97 6.28 -0.15
N PHE B 108 -2.90 5.94 -1.03
CA PHE B 108 -2.97 6.62 -2.32
C PHE B 108 -4.35 6.42 -2.91
N PHE B 109 -4.81 7.40 -3.69
CA PHE B 109 -6.11 7.23 -4.32
C PHE B 109 -6.03 6.31 -5.54
N ASP B 110 -7.15 5.64 -5.80
CA ASP B 110 -7.29 4.78 -6.96
C ASP B 110 -7.80 5.60 -8.15
N ASN B 111 -7.46 5.13 -9.34
CA ASN B 111 -7.88 5.78 -10.58
C ASN B 111 -7.88 4.74 -11.68
N PRO B 112 -9.04 4.10 -11.91
CA PRO B 112 -9.10 3.07 -12.97
C PRO B 112 -8.75 3.57 -14.35
N GLN B 113 -9.11 4.82 -14.67
CA GLN B 113 -8.89 5.35 -16.01
C GLN B 113 -7.42 5.41 -16.37
N MET B 114 -6.55 5.51 -15.37
CA MET B 114 -5.11 5.39 -15.60
C MET B 114 -4.54 4.32 -14.67
N ALA B 115 -5.20 3.16 -14.64
CA ALA B 115 -4.87 2.10 -13.68
C ALA B 115 -3.41 1.67 -13.79
N LEU B 116 -2.91 1.52 -15.03
CA LEU B 116 -1.50 1.19 -15.25
C LEU B 116 -0.58 2.19 -14.56
N ALA B 117 -0.86 3.48 -14.71
CA ALA B 117 -0.07 4.50 -14.05
C ALA B 117 -0.13 4.33 -12.54
N LYS B 118 -1.32 4.05 -12.00
CA LYS B 118 -1.45 3.84 -10.57
C LYS B 118 -0.63 2.64 -10.12
N ASP B 119 -0.57 1.60 -10.98
CA ASP B 119 0.24 0.43 -10.67
C ASP B 119 1.70 0.82 -10.50
N ASN B 120 2.20 1.67 -11.41
CA ASN B 120 3.57 2.15 -11.29
C ASN B 120 3.75 2.90 -9.99
N GLU B 121 2.77 3.74 -9.64
CA GLU B 121 2.81 4.48 -8.38
C GLU B 121 2.88 3.53 -7.21
N GLN B 122 2.10 2.44 -7.28
CA GLN B 122 2.11 1.46 -6.20
C GLN B 122 3.49 0.86 -6.01
N ASP B 123 4.16 0.55 -7.13
CA ASP B 123 5.52 0.00 -7.05
C ASP B 123 6.45 0.99 -6.39
N MET B 124 6.33 2.27 -6.76
CA MET B 124 7.17 3.31 -6.16
C MET B 124 6.91 3.39 -4.67
N ILE B 125 5.65 3.25 -4.26
CA ILE B 125 5.30 3.31 -2.85
C ILE B 125 5.99 2.17 -2.11
N VAL B 126 5.99 0.97 -2.71
CA VAL B 126 6.66 -0.16 -2.08
C VAL B 126 8.14 0.11 -2.00
N LYS B 127 8.72 0.72 -3.04
CA LYS B 127 10.15 1.01 -3.01
C LYS B 127 10.49 2.04 -1.94
N GLU B 128 9.52 2.86 -1.52
CA GLU B 128 9.78 3.74 -0.40
C GLU B 128 9.60 3.00 0.92
N MET B 129 8.60 2.11 0.99
CA MET B 129 8.20 1.53 2.27
C MET B 129 9.31 0.68 2.87
N TYR B 130 10.01 -0.09 2.03
CA TYR B 130 11.16 -0.85 2.47
C TYR B 130 12.21 0.04 3.12
N ASP B 131 12.47 1.21 2.50
CA ASP B 131 13.39 2.16 3.10
C ASP B 131 12.84 2.65 4.44
N ARG B 132 11.54 2.92 4.51
CA ARG B 132 10.95 3.29 5.79
C ARG B 132 10.99 2.14 6.77
N ALA B 133 10.99 0.90 6.29
CA ALA B 133 11.18 -0.24 7.17
C ALA B 133 12.63 -0.46 7.53
N ALA B 134 13.55 0.15 6.79
CA ALA B 134 14.96 0.02 7.12
C ALA B 134 15.35 0.98 8.23
N GLU B 135 14.96 2.25 8.10
CA GLU B 135 15.28 3.25 9.13
C GLU B 135 14.65 2.91 10.47
N GLN B 136 13.48 2.28 10.46
CA GLN B 136 12.83 1.88 11.70
C GLN B 136 13.62 0.80 12.43
N LEU B 137 14.24 -0.12 11.68
CA LEU B 137 14.95 -1.23 12.31
C LEU B 137 16.22 -0.75 13.00
N ILE B 138 17.04 0.05 12.31
CA ILE B 138 18.23 0.60 12.94
C ILE B 138 17.85 1.57 14.06
N ARG B 139 16.70 2.22 13.96
CA ARG B 139 16.28 3.14 15.02
C ARG B 139 15.94 2.41 16.31
N LYS B 140 15.65 1.11 16.25
CA LYS B 140 15.38 0.32 17.44
C LYS B 140 16.63 -0.39 17.96
N LEU B 141 17.78 -0.22 17.32
CA LEU B 141 19.00 -0.81 17.82
C LEU B 141 19.41 -0.27 19.20
N PRO B 142 19.36 1.03 19.48
CA PRO B 142 19.69 1.50 20.84
C PRO B 142 18.80 0.91 21.93
N SER B 143 17.55 0.58 21.62
CA SER B 143 16.69 -0.05 22.62
C SER B 143 17.22 -1.43 23.01
N ILE B 144 17.73 -2.18 22.03
CA ILE B 144 18.28 -3.50 22.32
C ILE B 144 19.52 -3.40 23.19
N ARG B 145 20.41 -2.45 22.89
CA ARG B 145 21.59 -2.26 23.73
C ARG B 145 21.20 -1.78 25.12
N ALA B 146 20.21 -0.90 25.22
CA ALA B 146 19.70 -0.51 26.54
C ALA B 146 19.08 -1.69 27.26
N ALA B 147 18.29 -2.50 26.55
CA ALA B 147 17.68 -3.67 27.16
C ALA B 147 18.73 -4.71 27.54
N ASP B 148 19.83 -4.78 26.80
CA ASP B 148 20.88 -5.74 27.11
C ASP B 148 21.56 -5.43 28.43
N ILE B 149 21.54 -4.18 28.86
CA ILE B 149 22.15 -3.79 30.12
C ILE B 149 21.13 -3.83 31.25
N ALA C 1 -9.00 5.09 40.30
CA ALA C 1 -9.49 3.74 40.52
C ALA C 1 -8.58 2.71 39.86
N CYS C 2 -9.13 1.95 38.92
CA CYS C 2 -8.33 0.96 38.19
C CYS C 2 -7.28 1.65 37.33
N SER C 3 -6.16 0.95 37.13
CA SER C 3 -5.12 1.47 36.23
C SER C 3 -5.64 1.59 34.81
N ASP C 4 -6.39 0.59 34.35
CA ASP C 4 -7.02 0.61 33.03
C ASP C 4 -8.50 0.92 33.20
N PHE C 5 -8.94 2.03 32.63
CA PHE C 5 -10.35 2.40 32.73
C PHE C 5 -11.21 1.69 31.69
N MET C 6 -10.60 0.97 30.75
CA MET C 6 -11.35 0.22 29.75
C MET C 6 -11.85 -1.11 30.28
N ASP C 7 -11.51 -1.46 31.52
CA ASP C 7 -12.04 -2.68 32.11
C ASP C 7 -13.55 -2.60 32.30
N TRP C 8 -14.09 -1.39 32.48
CA TRP C 8 -15.52 -1.26 32.71
C TRP C 8 -16.34 -1.66 31.48
N PHE C 9 -15.74 -1.63 30.30
CA PHE C 9 -16.48 -2.05 29.11
C PHE C 9 -16.33 -3.55 28.90
N TYR C 10 -15.14 -4.10 29.15
CA TYR C 10 -14.96 -5.55 29.15
C TYR C 10 -14.01 -5.95 30.28
N CYS C 11 -14.56 -6.59 31.30
CA CYS C 11 -13.77 -7.20 32.36
C CYS C 11 -14.28 -8.57 32.81
N ASP C 12 -15.52 -8.93 32.51
CA ASP C 12 -16.16 -10.12 33.06
C ASP C 12 -16.10 -10.12 34.58
N GLY C 13 -15.45 -11.13 35.17
CA GLY C 13 -15.41 -11.25 36.62
C GLY C 13 -16.82 -11.38 37.16
N TYR C 14 -17.21 -10.46 38.03
CA TYR C 14 -18.61 -10.29 38.37
C TYR C 14 -19.13 -9.02 37.70
N PRO C 15 -20.12 -9.12 36.81
CA PRO C 15 -20.58 -7.92 36.09
C PRO C 15 -21.16 -6.84 37.00
N CYS C 16 -21.70 -7.22 38.16
CA CYS C 16 -22.31 -6.33 39.16
C CYS C 16 -23.27 -5.33 38.52
N ALA C 17 -24.12 -5.83 37.62
CA ALA C 17 -25.10 -4.98 36.94
C ALA C 17 -26.49 -5.59 37.03
#